data_4N8L
#
_entry.id   4N8L
#
_cell.length_a   197.241
_cell.length_b   197.241
_cell.length_c   59.223
_cell.angle_alpha   90.000
_cell.angle_beta   90.000
_cell.angle_gamma   120.000
#
_symmetry.space_group_name_H-M   'P 31 2 1'
#
loop_
_entity.id
_entity.type
_entity.pdbx_description
1 polymer 'Putative 4-hydroxybutyrate coenzyme A transferase'
2 water water
#
_entity_poly.entity_id   1
_entity_poly.type   'polypeptide(L)'
_entity_poly.pdbx_seq_one_letter_code
;MGSSHHHHHHSSGLVPRGSHMASMTGGQQMGRGSEFMDIRALYDEKLTTPEEAVSSIASGSHLSMGMFAAEPPALLKALA
DRATRGDIGDLRVYYFETAKIAGDTILRYELNNRIKPYSMFVTAVERALIRRGIEDGGRKVVNYVPSNFHQAPRLLAEEI
GIDTFMHTVSPMDCHGYFSLGVGNDYSSRIARSARRFIVEVNRYMPRVQGEAAAIHISEVDAIVENHVPLIEMPVRSAIP
EYTSISHIIADLVPDGACLQMGVGALPNLVCGVLKDRNDLGIHTDVLNPGLVDLIRRGVVTNQRKTLDRGRSVFTFAMGQ
QEMYEYLNDHPAIFSRPVDYVNDPHIIAQNDNVVSINATLQIDLTGACNSEHMLGHQYSASGGQLDFVRGAYASKGGRSI
IATPSTAAKGTVSRIIPRIDGPVTTPRIDTHYIVTEFGAVNLKGLSSTERALRIIELAHPDFRDELTQAAKKMHLI
;
_entity_poly.pdbx_strand_id   A,B
#
# COMPACT_ATOMS: atom_id res chain seq x y z
N MET A 37 22.83 -41.45 -2.15
CA MET A 37 23.87 -40.41 -2.40
C MET A 37 24.45 -40.52 -3.81
N ASP A 38 24.04 -41.54 -4.56
CA ASP A 38 24.40 -41.65 -5.98
C ASP A 38 23.42 -40.83 -6.82
N ILE A 39 23.85 -39.66 -7.26
CA ILE A 39 22.95 -38.76 -7.97
C ILE A 39 22.67 -39.18 -9.42
N ARG A 40 23.66 -39.79 -10.07
CA ARG A 40 23.48 -40.24 -11.44
C ARG A 40 22.39 -41.30 -11.49
N ALA A 41 22.26 -42.08 -10.41
CA ALA A 41 21.21 -43.07 -10.27
C ALA A 41 19.85 -42.44 -9.99
N LEU A 42 19.83 -41.47 -9.07
CA LEU A 42 18.62 -40.74 -8.71
C LEU A 42 18.01 -40.07 -9.94
N TYR A 43 18.89 -39.54 -10.79
CA TYR A 43 18.51 -38.81 -11.99
C TYR A 43 17.79 -39.73 -12.98
N ASP A 44 18.34 -40.93 -13.17
CA ASP A 44 17.79 -41.89 -14.11
C ASP A 44 16.48 -42.49 -13.60
N GLU A 45 16.40 -42.71 -12.31
CA GLU A 45 15.16 -43.23 -11.72
C GLU A 45 14.04 -42.22 -11.91
N LYS A 46 14.39 -40.92 -11.89
CA LYS A 46 13.41 -39.85 -12.00
C LYS A 46 13.24 -39.29 -13.42
N LEU A 47 14.17 -39.58 -14.31
CA LEU A 47 14.03 -39.15 -15.70
C LEU A 47 12.86 -39.88 -16.37
N THR A 48 12.09 -39.13 -17.17
CA THR A 48 10.93 -39.68 -17.88
C THR A 48 10.64 -38.81 -19.09
N THR A 49 9.49 -39.04 -19.74
CA THR A 49 9.09 -38.24 -20.89
C THR A 49 8.07 -37.17 -20.46
N PRO A 50 8.00 -36.06 -21.22
CA PRO A 50 7.00 -35.03 -20.96
C PRO A 50 5.57 -35.57 -20.86
N GLU A 51 5.22 -36.55 -21.69
CA GLU A 51 3.88 -37.11 -21.65
C GLU A 51 3.64 -37.83 -20.33
N GLU A 52 4.59 -38.69 -19.95
CA GLU A 52 4.46 -39.47 -18.73
C GLU A 52 4.52 -38.59 -17.48
N ALA A 53 5.34 -37.55 -17.52
CA ALA A 53 5.54 -36.68 -16.37
C ALA A 53 4.24 -36.00 -15.94
N VAL A 54 3.52 -35.45 -16.91
CA VAL A 54 2.28 -34.74 -16.62
C VAL A 54 1.05 -35.65 -16.55
N SER A 55 1.23 -36.94 -16.84
CA SER A 55 0.10 -37.86 -16.95
C SER A 55 -0.60 -38.13 -15.61
N SER A 56 0.12 -37.91 -14.51
CA SER A 56 -0.41 -38.22 -13.19
C SER A 56 -1.14 -37.05 -12.53
N ILE A 57 -0.99 -35.86 -13.09
CA ILE A 57 -1.63 -34.65 -12.56
C ILE A 57 -3.15 -34.78 -12.50
N ALA A 58 -3.70 -34.58 -11.31
CA ALA A 58 -5.12 -34.78 -11.05
C ALA A 58 -6.02 -33.71 -11.65
N SER A 59 -7.22 -34.12 -12.05
CA SER A 59 -8.30 -33.18 -12.33
C SER A 59 -8.75 -32.54 -11.02
N GLY A 60 -9.19 -31.29 -11.08
CA GLY A 60 -9.68 -30.61 -9.89
C GLY A 60 -8.58 -30.09 -8.98
N SER A 61 -7.33 -30.17 -9.43
CA SER A 61 -6.19 -29.79 -8.60
C SER A 61 -5.76 -28.34 -8.86
N HIS A 62 -4.72 -27.92 -8.15
CA HIS A 62 -4.09 -26.62 -8.37
C HIS A 62 -2.69 -26.83 -8.91
N LEU A 63 -2.38 -26.17 -10.01
CA LEU A 63 -1.05 -26.24 -10.61
C LEU A 63 -0.46 -24.84 -10.71
N SER A 64 0.86 -24.75 -10.67
CA SER A 64 1.54 -23.47 -10.87
C SER A 64 2.83 -23.72 -11.63
N MET A 65 3.47 -22.64 -12.04
CA MET A 65 4.66 -22.74 -12.86
C MET A 65 5.54 -21.52 -12.71
N GLY A 66 6.73 -21.59 -13.31
CA GLY A 66 7.66 -20.49 -13.23
C GLY A 66 7.20 -19.33 -14.08
N MET A 67 7.85 -18.20 -13.93
CA MET A 67 7.48 -17.00 -14.66
C MET A 67 8.20 -16.92 -15.99
N PHE A 68 7.46 -16.56 -17.04
CA PHE A 68 8.04 -16.18 -18.32
C PHE A 68 8.97 -17.27 -18.87
N ALA A 69 10.26 -16.95 -19.04
CA ALA A 69 11.19 -17.86 -19.68
C ALA A 69 11.38 -19.16 -18.90
N ALA A 70 10.97 -19.15 -17.63
CA ALA A 70 11.07 -20.35 -16.79
C ALA A 70 9.88 -21.27 -16.98
N GLU A 71 8.92 -20.84 -17.79
CA GLU A 71 7.79 -21.70 -18.13
C GLU A 71 8.29 -22.88 -18.96
N PRO A 72 7.93 -24.12 -18.57
CA PRO A 72 8.50 -25.29 -19.26
C PRO A 72 7.69 -25.73 -20.49
N PRO A 73 8.22 -25.51 -21.70
CA PRO A 73 7.43 -25.77 -22.93
C PRO A 73 7.06 -27.22 -23.18
N ALA A 74 7.97 -28.15 -22.92
CA ALA A 74 7.70 -29.56 -23.20
C ALA A 74 6.62 -30.09 -22.27
N LEU A 75 6.71 -29.73 -20.99
CA LEU A 75 5.71 -30.13 -20.02
C LEU A 75 4.36 -29.48 -20.31
N LEU A 76 4.37 -28.20 -20.66
CA LEU A 76 3.14 -27.46 -20.89
C LEU A 76 2.45 -27.93 -22.17
N LYS A 77 3.22 -28.23 -23.21
CA LYS A 77 2.66 -28.82 -24.41
C LYS A 77 2.00 -30.15 -24.10
N ALA A 78 2.72 -31.00 -23.38
CA ALA A 78 2.23 -32.32 -23.02
C ALA A 78 0.96 -32.21 -22.18
N LEU A 79 0.90 -31.20 -21.31
CA LEU A 79 -0.26 -31.03 -20.43
C LEU A 79 -1.47 -30.51 -21.22
N ALA A 80 -1.21 -29.61 -22.17
CA ALA A 80 -2.26 -29.08 -23.02
C ALA A 80 -2.86 -30.19 -23.87
N ASP A 81 -1.99 -31.00 -24.46
CA ASP A 81 -2.41 -32.08 -25.34
C ASP A 81 -3.43 -33.01 -24.69
N ARG A 82 -3.19 -33.22 -23.41
CA ARG A 82 -3.99 -34.03 -22.49
C ARG A 82 -5.36 -33.46 -22.27
N ALA A 83 -5.43 -32.15 -22.13
CA ALA A 83 -6.71 -31.46 -22.08
C ALA A 83 -7.45 -31.64 -23.41
N THR A 84 -6.70 -31.58 -24.50
CA THR A 84 -7.27 -31.71 -25.84
C THR A 84 -7.87 -33.10 -26.04
N ARG A 85 -7.20 -34.11 -25.50
CA ARG A 85 -7.70 -35.48 -25.56
C ARG A 85 -8.85 -35.70 -24.58
N GLY A 86 -9.12 -34.69 -23.76
CA GLY A 86 -10.20 -34.76 -22.78
C GLY A 86 -9.85 -35.57 -21.55
N ASP A 87 -8.56 -35.78 -21.33
CA ASP A 87 -8.10 -36.66 -20.26
C ASP A 87 -7.86 -35.95 -18.93
N ILE A 88 -8.04 -34.63 -18.90
CA ILE A 88 -7.93 -33.87 -17.65
C ILE A 88 -8.94 -32.72 -17.67
N GLY A 89 -9.37 -32.30 -16.47
CA GLY A 89 -10.35 -31.24 -16.38
C GLY A 89 -10.35 -30.50 -15.05
N ASP A 90 -10.97 -29.33 -15.04
CA ASP A 90 -11.08 -28.49 -13.85
C ASP A 90 -9.71 -28.26 -13.23
N LEU A 91 -8.71 -28.01 -14.07
CA LEU A 91 -7.35 -27.77 -13.60
C LEU A 91 -7.08 -26.28 -13.56
N ARG A 92 -6.87 -25.76 -12.35
CA ARG A 92 -6.55 -24.36 -12.16
C ARG A 92 -5.05 -24.12 -12.23
N VAL A 93 -4.64 -23.23 -13.12
CA VAL A 93 -3.23 -22.83 -13.19
C VAL A 93 -3.08 -21.41 -12.63
N TYR A 94 -2.31 -21.32 -11.54
CA TYR A 94 -2.02 -20.07 -10.84
C TYR A 94 -0.61 -19.62 -11.23
N TYR A 95 -0.48 -18.40 -11.75
CA TYR A 95 0.80 -17.97 -12.33
C TYR A 95 0.98 -16.44 -12.45
N PHE A 96 2.22 -16.03 -12.72
CA PHE A 96 2.57 -14.63 -12.94
C PHE A 96 3.33 -14.42 -14.25
N GLU A 97 3.05 -13.29 -14.91
CA GLU A 97 3.87 -12.81 -16.03
C GLU A 97 4.00 -13.85 -17.15
N THR A 98 2.94 -14.02 -17.93
CA THR A 98 2.92 -15.01 -19.00
C THR A 98 3.90 -14.81 -20.13
N ALA A 99 4.15 -15.92 -20.82
CA ALA A 99 4.94 -15.95 -22.04
C ALA A 99 4.18 -16.73 -23.11
N LYS A 100 4.62 -16.61 -24.36
CA LYS A 100 4.01 -17.29 -25.48
C LYS A 100 3.92 -18.80 -25.22
N ILE A 101 4.83 -19.30 -24.39
CA ILE A 101 4.94 -20.73 -24.11
C ILE A 101 3.65 -21.27 -23.47
N ALA A 102 3.18 -20.59 -22.43
CA ALA A 102 1.91 -20.94 -21.81
C ALA A 102 0.75 -20.55 -22.72
N GLY A 103 0.90 -19.41 -23.38
CA GLY A 103 -0.15 -18.86 -24.22
C GLY A 103 -0.54 -19.76 -25.38
N ASP A 104 0.47 -20.35 -26.00
CA ASP A 104 0.25 -21.24 -27.16
C ASP A 104 -0.02 -22.68 -26.77
N THR A 105 0.12 -23.01 -25.49
CA THR A 105 -0.10 -24.37 -25.02
C THR A 105 -1.34 -24.42 -24.13
N ILE A 106 -1.14 -24.46 -22.82
CA ILE A 106 -2.25 -24.70 -21.89
C ILE A 106 -3.25 -23.55 -21.83
N LEU A 107 -2.84 -22.36 -22.24
CA LEU A 107 -3.69 -21.17 -22.07
C LEU A 107 -4.46 -20.82 -23.35
N ARG A 108 -4.43 -21.73 -24.32
CA ARG A 108 -5.18 -21.52 -25.55
C ARG A 108 -6.68 -21.53 -25.28
N TYR A 109 -7.36 -20.55 -25.86
CA TYR A 109 -8.78 -20.31 -25.62
C TYR A 109 -9.64 -21.59 -25.67
N GLU A 110 -9.24 -22.53 -26.51
CA GLU A 110 -10.02 -23.76 -26.70
C GLU A 110 -10.10 -24.62 -25.44
N LEU A 111 -9.12 -24.46 -24.56
CA LEU A 111 -8.94 -25.33 -23.40
C LEU A 111 -9.48 -24.73 -22.11
N ASN A 112 -10.16 -23.59 -22.22
CA ASN A 112 -10.42 -22.74 -21.07
C ASN A 112 -11.46 -23.33 -20.13
N ASN A 113 -12.17 -24.36 -20.59
CA ASN A 113 -13.13 -25.08 -19.75
C ASN A 113 -12.54 -26.28 -19.01
N ARG A 114 -11.30 -26.64 -19.36
CA ARG A 114 -10.61 -27.75 -18.71
C ARG A 114 -9.41 -27.26 -17.91
N ILE A 115 -8.58 -26.45 -18.55
CA ILE A 115 -7.45 -25.81 -17.90
C ILE A 115 -7.82 -24.35 -17.70
N LYS A 116 -8.13 -23.98 -16.45
CA LYS A 116 -8.72 -22.69 -16.16
C LYS A 116 -7.67 -21.68 -15.70
N PRO A 117 -7.38 -20.65 -16.53
CA PRO A 117 -6.36 -19.67 -16.15
C PRO A 117 -6.76 -18.84 -14.94
N TYR A 118 -5.92 -18.83 -13.93
CA TYR A 118 -6.21 -18.09 -12.73
C TYR A 118 -5.06 -17.13 -12.53
N SER A 119 -5.03 -16.12 -13.38
CA SER A 119 -3.94 -15.17 -13.46
C SER A 119 -3.83 -14.19 -12.34
N MET A 120 -2.62 -13.75 -12.06
CA MET A 120 -2.35 -12.76 -11.05
C MET A 120 -1.74 -11.47 -11.56
N PHE A 121 -1.30 -11.47 -12.81
CA PHE A 121 -0.91 -10.27 -13.53
C PHE A 121 -1.74 -10.35 -14.79
N VAL A 122 -2.07 -9.24 -15.40
CA VAL A 122 -2.67 -9.26 -16.71
C VAL A 122 -1.65 -8.76 -17.72
N THR A 123 -1.30 -9.64 -18.64
CA THR A 123 -0.44 -9.29 -19.78
C THR A 123 -1.24 -9.40 -21.06
N ALA A 124 -0.55 -9.33 -22.19
CA ALA A 124 -1.21 -9.41 -23.50
C ALA A 124 -1.97 -10.73 -23.67
N VAL A 125 -1.40 -11.80 -23.13
CA VAL A 125 -1.98 -13.13 -23.29
C VAL A 125 -3.39 -13.16 -22.70
N GLU A 126 -3.54 -12.66 -21.49
CA GLU A 126 -4.87 -12.63 -20.85
C GLU A 126 -5.82 -11.69 -21.56
N ARG A 127 -5.32 -10.54 -21.97
CA ARG A 127 -6.16 -9.55 -22.64
C ARG A 127 -6.80 -10.14 -23.87
N ALA A 128 -6.04 -10.91 -24.64
CA ALA A 128 -6.58 -11.62 -25.79
C ALA A 128 -7.70 -12.57 -25.35
N LEU A 129 -7.45 -13.30 -24.27
CA LEU A 129 -8.44 -14.23 -23.73
C LEU A 129 -9.69 -13.52 -23.23
N ILE A 130 -9.51 -12.41 -22.50
CA ILE A 130 -10.63 -11.64 -21.99
C ILE A 130 -11.45 -11.14 -23.17
N ARG A 131 -10.75 -10.56 -24.14
CA ARG A 131 -11.35 -10.06 -25.38
C ARG A 131 -12.26 -11.10 -26.04
N ARG A 132 -11.71 -12.29 -26.24
CA ARG A 132 -12.44 -13.38 -26.88
C ARG A 132 -13.65 -13.80 -26.05
N GLY A 133 -13.50 -13.74 -24.73
CA GLY A 133 -14.59 -14.09 -23.83
C GLY A 133 -15.73 -13.12 -23.97
N ILE A 134 -15.41 -11.84 -24.10
CA ILE A 134 -16.41 -10.81 -24.29
C ILE A 134 -17.16 -11.06 -25.61
N GLU A 135 -16.41 -11.36 -26.66
CA GLU A 135 -17.00 -11.71 -27.96
C GLU A 135 -17.96 -12.89 -27.87
N ASP A 136 -17.68 -13.84 -26.98
CA ASP A 136 -18.53 -15.02 -26.82
C ASP A 136 -19.68 -14.74 -25.85
N GLY A 137 -20.23 -13.54 -25.94
CA GLY A 137 -21.35 -13.16 -25.10
C GLY A 137 -20.96 -13.01 -23.64
N GLY A 138 -19.84 -12.36 -23.40
CA GLY A 138 -19.41 -12.06 -22.04
C GLY A 138 -19.03 -13.25 -21.18
N ARG A 139 -18.34 -14.22 -21.76
CA ARG A 139 -17.78 -15.31 -20.98
C ARG A 139 -16.67 -14.80 -20.06
N LYS A 140 -16.70 -15.22 -18.80
CA LYS A 140 -15.57 -15.03 -17.89
C LYS A 140 -14.66 -16.23 -18.11
N VAL A 141 -13.47 -15.97 -18.65
CA VAL A 141 -12.58 -17.04 -19.10
C VAL A 141 -11.22 -16.93 -18.41
N VAL A 142 -11.01 -15.81 -17.73
CA VAL A 142 -9.81 -15.60 -16.93
C VAL A 142 -10.22 -15.18 -15.53
N ASN A 143 -9.78 -15.96 -14.54
CA ASN A 143 -10.06 -15.64 -13.15
C ASN A 143 -8.92 -14.86 -12.52
N TYR A 144 -8.95 -13.54 -12.67
CA TYR A 144 -7.95 -12.69 -12.02
C TYR A 144 -7.95 -12.96 -10.52
N VAL A 145 -6.76 -13.03 -9.94
CA VAL A 145 -6.60 -13.22 -8.51
C VAL A 145 -5.88 -11.98 -7.97
N PRO A 146 -6.63 -11.06 -7.34
CA PRO A 146 -5.97 -9.87 -6.79
C PRO A 146 -4.95 -10.25 -5.72
N SER A 147 -3.79 -9.63 -5.77
CA SER A 147 -2.68 -10.01 -4.92
C SER A 147 -1.53 -9.02 -5.02
N ASN A 148 -0.80 -8.85 -3.91
CA ASN A 148 0.48 -8.16 -3.95
C ASN A 148 1.54 -9.14 -4.43
N PHE A 149 2.47 -8.67 -5.25
CA PHE A 149 3.50 -9.54 -5.79
C PHE A 149 4.39 -10.08 -4.67
N HIS A 150 4.76 -9.22 -3.73
CA HIS A 150 5.64 -9.61 -2.64
C HIS A 150 5.00 -10.63 -1.70
N GLN A 151 3.68 -10.77 -1.77
CA GLN A 151 2.96 -11.77 -0.98
C GLN A 151 2.68 -13.05 -1.76
N ALA A 152 3.25 -13.18 -2.95
CA ALA A 152 2.92 -14.29 -3.84
C ALA A 152 3.24 -15.68 -3.26
N PRO A 153 4.43 -15.86 -2.67
CA PRO A 153 4.76 -17.19 -2.13
C PRO A 153 3.78 -17.67 -1.06
N ARG A 154 3.42 -16.76 -0.15
CA ARG A 154 2.51 -17.09 0.94
C ARG A 154 1.13 -17.41 0.39
N LEU A 155 0.64 -16.56 -0.50
CA LEU A 155 -0.67 -16.73 -1.11
C LEU A 155 -0.80 -18.06 -1.84
N LEU A 156 0.22 -18.42 -2.60
CA LEU A 156 0.18 -19.65 -3.40
C LEU A 156 0.35 -20.89 -2.55
N ALA A 157 1.23 -20.80 -1.55
CA ALA A 157 1.54 -21.96 -0.72
C ALA A 157 0.47 -22.22 0.35
N GLU A 158 -0.08 -21.16 0.93
CA GLU A 158 -0.97 -21.30 2.08
C GLU A 158 -2.45 -21.03 1.80
N GLU A 159 -2.78 -19.83 1.34
CA GLU A 159 -4.19 -19.45 1.18
C GLU A 159 -4.85 -20.21 0.04
N ILE A 160 -4.05 -20.54 -0.98
CA ILE A 160 -4.54 -21.21 -2.17
C ILE A 160 -4.11 -22.67 -2.18
N GLY A 161 -2.81 -22.89 -2.01
CA GLY A 161 -2.26 -24.23 -2.05
C GLY A 161 -2.00 -24.65 -3.48
N ILE A 162 -0.82 -25.19 -3.73
CA ILE A 162 -0.45 -25.65 -5.08
C ILE A 162 -0.02 -27.10 -5.01
N ASP A 163 -0.65 -27.92 -5.85
CA ASP A 163 -0.45 -29.35 -5.82
C ASP A 163 0.70 -29.80 -6.72
N THR A 164 0.86 -29.13 -7.85
CA THR A 164 1.91 -29.45 -8.80
C THR A 164 2.59 -28.17 -9.28
N PHE A 165 3.92 -28.12 -9.18
CA PHE A 165 4.69 -26.99 -9.70
C PHE A 165 5.63 -27.47 -10.79
N MET A 166 5.72 -26.69 -11.87
CA MET A 166 6.57 -27.02 -13.00
C MET A 166 7.46 -25.84 -13.38
N HIS A 167 8.70 -26.13 -13.74
CA HIS A 167 9.72 -25.11 -13.88
C HIS A 167 10.88 -25.60 -14.73
N THR A 168 11.43 -24.73 -15.57
CA THR A 168 12.64 -25.06 -16.31
C THR A 168 13.82 -24.82 -15.38
N VAL A 169 14.81 -25.71 -15.42
CA VAL A 169 15.99 -25.58 -14.57
C VAL A 169 17.25 -25.80 -15.39
N SER A 170 18.36 -25.31 -14.87
CA SER A 170 19.66 -25.57 -15.48
C SER A 170 20.03 -27.02 -15.27
N PRO A 171 20.98 -27.54 -16.06
CA PRO A 171 21.40 -28.94 -15.91
C PRO A 171 21.95 -29.23 -14.53
N MET A 172 21.77 -30.47 -14.06
CA MET A 172 22.27 -30.87 -12.77
C MET A 172 23.79 -30.70 -12.72
N ASP A 173 24.29 -30.24 -11.58
CA ASP A 173 25.73 -30.05 -11.42
C ASP A 173 26.31 -31.24 -10.67
N CYS A 174 27.62 -31.23 -10.43
CA CYS A 174 28.30 -32.39 -9.88
C CYS A 174 27.89 -32.72 -8.44
N HIS A 175 27.14 -31.82 -7.79
CA HIS A 175 26.65 -32.07 -6.44
C HIS A 175 25.17 -32.41 -6.39
N GLY A 176 24.56 -32.55 -7.56
CA GLY A 176 23.16 -32.99 -7.65
C GLY A 176 22.17 -31.85 -7.51
N TYR A 177 22.58 -30.64 -7.90
CA TYR A 177 21.76 -29.45 -7.74
C TYR A 177 21.36 -28.86 -9.08
N PHE A 178 20.08 -28.49 -9.20
CA PHE A 178 19.58 -27.72 -10.33
C PHE A 178 19.47 -26.26 -9.93
N SER A 179 19.46 -25.36 -10.92
CA SER A 179 19.24 -23.94 -10.66
C SER A 179 17.93 -23.49 -11.30
N LEU A 180 17.19 -22.66 -10.58
CA LEU A 180 15.98 -22.06 -11.13
C LEU A 180 16.32 -21.00 -12.19
N GLY A 181 17.61 -20.72 -12.34
CA GLY A 181 18.09 -19.86 -13.40
C GLY A 181 17.53 -18.45 -13.36
N VAL A 182 16.69 -18.14 -14.34
CA VAL A 182 16.15 -16.79 -14.46
C VAL A 182 15.00 -16.56 -13.51
N GLY A 183 14.70 -17.53 -12.69
CA GLY A 183 13.64 -17.40 -11.73
C GLY A 183 13.99 -17.66 -10.31
N ASN A 184 13.42 -16.89 -9.43
CA ASN A 184 13.35 -17.21 -8.04
C ASN A 184 11.95 -16.99 -7.63
N ASP A 185 11.55 -15.75 -7.67
CA ASP A 185 10.16 -15.37 -7.66
C ASP A 185 9.43 -16.06 -6.54
N TYR A 186 8.30 -16.67 -6.86
CA TYR A 186 7.56 -17.44 -5.91
C TYR A 186 7.93 -18.86 -6.18
N SER A 187 8.73 -19.08 -7.19
CA SER A 187 9.03 -20.45 -7.60
C SER A 187 9.89 -21.20 -6.58
N SER A 188 10.87 -20.52 -6.00
CA SER A 188 11.76 -21.15 -5.04
C SER A 188 11.01 -21.68 -3.81
N ARG A 189 9.88 -21.06 -3.47
CA ARG A 189 9.03 -21.55 -2.38
C ARG A 189 8.10 -22.66 -2.87
N ILE A 190 7.32 -22.37 -3.92
CA ILE A 190 6.31 -23.30 -4.38
C ILE A 190 6.90 -24.61 -4.89
N ALA A 191 8.13 -24.55 -5.38
CA ALA A 191 8.82 -25.77 -5.80
C ALA A 191 8.96 -26.74 -4.63
N ARG A 192 8.93 -26.18 -3.42
CA ARG A 192 9.09 -26.97 -2.21
C ARG A 192 7.76 -27.22 -1.47
N SER A 193 6.81 -26.30 -1.60
CA SER A 193 5.53 -26.44 -0.91
C SER A 193 4.61 -27.36 -1.70
N ALA A 194 4.85 -27.43 -3.01
CA ALA A 194 4.05 -28.27 -3.89
C ALA A 194 4.25 -29.75 -3.58
N ARG A 195 3.17 -30.51 -3.70
CA ARG A 195 3.20 -31.94 -3.41
C ARG A 195 4.06 -32.67 -4.46
N ARG A 196 4.05 -32.15 -5.69
CA ARG A 196 4.88 -32.68 -6.77
C ARG A 196 5.62 -31.56 -7.50
N PHE A 197 6.94 -31.68 -7.61
CA PHE A 197 7.76 -30.70 -8.32
C PHE A 197 8.39 -31.37 -9.55
N ILE A 198 8.06 -30.85 -10.72
CA ILE A 198 8.55 -31.41 -11.98
C ILE A 198 9.44 -30.38 -12.65
N VAL A 199 10.67 -30.77 -13.00
CA VAL A 199 11.61 -29.84 -13.59
C VAL A 199 11.86 -30.19 -15.05
N GLU A 200 12.13 -29.17 -15.86
CA GLU A 200 12.47 -29.36 -17.26
C GLU A 200 13.90 -28.90 -17.50
N VAL A 201 14.80 -29.86 -17.70
CA VAL A 201 16.21 -29.56 -17.86
C VAL A 201 16.50 -28.96 -19.23
N ASN A 202 17.19 -27.81 -19.22
CA ASN A 202 17.49 -27.04 -20.42
C ASN A 202 18.85 -26.36 -20.28
N ARG A 203 19.83 -26.80 -21.07
CA ARG A 203 21.18 -26.26 -20.96
C ARG A 203 21.25 -24.79 -21.39
N TYR A 204 20.17 -24.28 -21.99
CA TYR A 204 20.09 -22.88 -22.34
C TYR A 204 19.65 -22.04 -21.14
N MET A 205 19.25 -22.72 -20.06
CA MET A 205 18.91 -22.04 -18.82
C MET A 205 20.18 -21.80 -18.03
N PRO A 206 20.54 -20.53 -17.78
CA PRO A 206 21.79 -20.29 -17.05
C PRO A 206 21.73 -20.83 -15.63
N ARG A 207 22.86 -21.32 -15.13
CA ARG A 207 22.97 -21.70 -13.73
C ARG A 207 23.25 -20.46 -12.91
N VAL A 208 22.31 -20.12 -12.04
CA VAL A 208 22.32 -18.83 -11.35
C VAL A 208 22.39 -19.05 -9.85
N GLN A 209 23.24 -18.28 -9.18
CA GLN A 209 23.41 -18.38 -7.74
C GLN A 209 22.36 -17.53 -7.05
N GLY A 210 21.80 -18.02 -5.95
CA GLY A 210 20.78 -17.27 -5.25
C GLY A 210 20.16 -18.02 -4.08
N GLU A 211 19.42 -17.28 -3.26
CA GLU A 211 18.76 -17.86 -2.08
C GLU A 211 17.68 -18.84 -2.52
N ALA A 212 17.88 -20.10 -2.18
CA ALA A 212 16.93 -21.17 -2.52
C ALA A 212 16.80 -21.32 -4.03
N ALA A 213 17.75 -20.76 -4.76
CA ALA A 213 17.79 -20.88 -6.22
C ALA A 213 18.23 -22.28 -6.63
N ALA A 214 19.02 -22.92 -5.77
CA ALA A 214 19.52 -24.26 -6.05
C ALA A 214 18.53 -25.28 -5.52
N ILE A 215 18.27 -26.31 -6.32
CA ILE A 215 17.35 -27.38 -5.95
C ILE A 215 18.06 -28.72 -6.02
N HIS A 216 18.12 -29.42 -4.90
CA HIS A 216 18.72 -30.74 -4.89
C HIS A 216 17.78 -31.74 -5.54
N ILE A 217 18.34 -32.76 -6.18
CA ILE A 217 17.54 -33.76 -6.89
C ILE A 217 16.60 -34.50 -5.94
N SER A 218 17.02 -34.71 -4.69
CA SER A 218 16.15 -35.34 -3.70
C SER A 218 14.84 -34.57 -3.55
N GLU A 219 14.87 -33.27 -3.86
CA GLU A 219 13.69 -32.41 -3.77
C GLU A 219 12.84 -32.44 -5.06
N VAL A 220 13.34 -33.14 -6.08
CA VAL A 220 12.66 -33.24 -7.38
C VAL A 220 11.88 -34.53 -7.53
N ASP A 221 10.68 -34.44 -8.10
CA ASP A 221 9.81 -35.60 -8.27
C ASP A 221 9.89 -36.24 -9.65
N ALA A 222 10.23 -35.44 -10.66
CA ALA A 222 10.37 -35.96 -12.02
C ALA A 222 11.16 -35.01 -12.91
N ILE A 223 11.89 -35.59 -13.86
CA ILE A 223 12.73 -34.82 -14.77
C ILE A 223 12.40 -35.18 -16.22
N VAL A 224 12.28 -34.17 -17.07
CA VAL A 224 12.33 -34.36 -18.51
C VAL A 224 13.40 -33.41 -19.04
N GLU A 225 13.94 -33.72 -20.22
CA GLU A 225 15.01 -32.91 -20.79
C GLU A 225 14.54 -32.25 -22.07
N ASN A 226 14.79 -30.95 -22.19
CA ASN A 226 14.38 -30.20 -23.36
C ASN A 226 15.29 -29.00 -23.58
N HIS A 227 16.24 -29.16 -24.50
CA HIS A 227 17.24 -28.14 -24.77
C HIS A 227 16.83 -27.25 -25.93
N VAL A 228 16.35 -26.05 -25.59
CA VAL A 228 15.94 -25.06 -26.59
C VAL A 228 16.26 -23.66 -26.06
N PRO A 229 16.55 -22.71 -26.96
CA PRO A 229 16.74 -21.32 -26.54
C PRO A 229 15.61 -20.82 -25.66
N LEU A 230 15.94 -19.95 -24.71
CA LEU A 230 14.93 -19.37 -23.85
C LEU A 230 14.17 -18.32 -24.63
N ILE A 231 12.88 -18.16 -24.32
CA ILE A 231 12.06 -17.18 -25.03
C ILE A 231 12.64 -15.82 -24.71
N GLU A 232 12.62 -14.93 -25.71
CA GLU A 232 13.24 -13.63 -25.55
C GLU A 232 12.21 -12.52 -25.46
N MET A 233 12.52 -11.56 -24.60
CA MET A 233 11.91 -10.25 -24.64
C MET A 233 12.15 -9.70 -26.04
N PRO A 234 11.11 -9.18 -26.71
CA PRO A 234 11.40 -8.64 -28.04
C PRO A 234 12.18 -7.32 -27.96
N VAL A 235 13.15 -7.13 -28.85
CA VAL A 235 13.92 -5.89 -28.86
C VAL A 235 13.12 -4.85 -29.64
N ARG A 236 12.65 -3.83 -28.92
CA ARG A 236 11.74 -2.83 -29.48
C ARG A 236 12.45 -1.53 -29.88
N SER A 237 12.12 -1.04 -31.06
CA SER A 237 12.69 0.22 -31.53
C SER A 237 12.25 1.35 -30.62
N ALA A 238 13.21 2.11 -30.13
CA ALA A 238 12.92 3.21 -29.22
C ALA A 238 12.04 4.23 -29.93
N ILE A 239 11.04 4.75 -29.23
CA ILE A 239 10.21 5.81 -29.77
C ILE A 239 10.84 7.13 -29.32
N PRO A 240 10.57 8.23 -30.02
CA PRO A 240 11.42 9.41 -29.86
C PRO A 240 11.27 10.12 -28.51
N GLU A 241 10.11 9.99 -27.86
CA GLU A 241 9.92 10.61 -26.55
C GLU A 241 10.93 10.07 -25.55
N TYR A 242 11.23 8.78 -25.64
CA TYR A 242 12.16 8.12 -24.71
C TYR A 242 13.50 8.84 -24.56
N THR A 243 13.89 9.59 -25.59
CA THR A 243 15.10 10.39 -25.51
C THR A 243 14.94 11.47 -24.45
N SER A 244 13.92 12.32 -24.63
CA SER A 244 13.62 13.38 -23.66
C SER A 244 13.39 12.80 -22.27
N ILE A 245 12.55 11.77 -22.18
CA ILE A 245 12.24 11.12 -20.91
C ILE A 245 13.49 10.68 -20.16
N SER A 246 14.32 9.87 -20.83
CA SER A 246 15.52 9.33 -20.22
C SER A 246 16.46 10.41 -19.68
N HIS A 247 16.60 11.52 -20.40
CA HIS A 247 17.50 12.58 -19.98
C HIS A 247 16.92 13.32 -18.77
N ILE A 248 15.61 13.46 -18.73
CA ILE A 248 14.93 13.97 -17.53
C ILE A 248 15.21 13.07 -16.34
N ILE A 249 15.08 11.77 -16.57
CA ILE A 249 15.26 10.77 -15.52
C ILE A 249 16.70 10.72 -15.04
N ALA A 250 17.65 10.81 -15.98
CA ALA A 250 19.06 10.76 -15.64
C ALA A 250 19.45 11.82 -14.60
N ASP A 251 18.82 12.98 -14.68
CA ASP A 251 19.12 14.07 -13.75
C ASP A 251 18.57 13.78 -12.36
N LEU A 252 17.65 12.82 -12.27
CA LEU A 252 17.05 12.42 -11.00
C LEU A 252 17.72 11.19 -10.39
N VAL A 253 18.75 10.69 -11.04
CA VAL A 253 19.49 9.54 -10.52
C VAL A 253 20.74 10.07 -9.83
N PRO A 254 20.79 9.97 -8.49
CA PRO A 254 21.98 10.50 -7.80
C PRO A 254 23.14 9.52 -7.89
N ASP A 255 24.33 9.96 -7.48
CA ASP A 255 25.48 9.09 -7.42
C ASP A 255 25.26 8.03 -6.34
N GLY A 256 25.70 6.81 -6.61
CA GLY A 256 25.54 5.72 -5.66
C GLY A 256 24.11 5.20 -5.61
N ALA A 257 23.37 5.35 -6.70
CA ALA A 257 21.97 4.96 -6.74
C ALA A 257 21.80 3.44 -6.73
N CYS A 258 20.75 2.97 -6.07
CA CYS A 258 20.38 1.56 -6.05
C CYS A 258 19.16 1.33 -6.94
N LEU A 259 19.41 0.82 -8.13
CA LEU A 259 18.40 0.79 -9.19
C LEU A 259 17.41 -0.36 -9.10
N GLN A 260 16.15 -0.03 -9.36
CA GLN A 260 15.15 -1.02 -9.77
C GLN A 260 14.57 -0.58 -11.12
N MET A 261 14.44 -1.52 -12.05
CA MET A 261 13.78 -1.26 -13.33
C MET A 261 12.60 -2.22 -13.48
N GLY A 262 11.47 -1.69 -13.92
CA GLY A 262 10.26 -2.48 -14.05
C GLY A 262 10.14 -3.20 -15.38
N VAL A 263 9.18 -4.13 -15.44
CA VAL A 263 8.78 -4.74 -16.71
C VAL A 263 8.40 -3.65 -17.70
N GLY A 264 9.00 -3.69 -18.89
CA GLY A 264 8.71 -2.70 -19.91
C GLY A 264 9.90 -2.30 -20.74
N ALA A 265 9.62 -1.78 -21.94
CA ALA A 265 10.65 -1.34 -22.86
C ALA A 265 11.28 -0.04 -22.41
N LEU A 266 10.48 0.84 -21.81
CA LEU A 266 10.96 2.16 -21.41
C LEU A 266 12.03 2.09 -20.33
N PRO A 267 11.77 1.41 -19.20
CA PRO A 267 12.82 1.29 -18.18
C PRO A 267 14.13 0.71 -18.71
N ASN A 268 14.02 -0.34 -19.53
CA ASN A 268 15.18 -0.96 -20.14
C ASN A 268 16.03 0.04 -20.93
N LEU A 269 15.39 0.86 -21.75
CA LEU A 269 16.10 1.82 -22.58
C LEU A 269 16.74 2.92 -21.73
N VAL A 270 16.12 3.24 -20.60
CA VAL A 270 16.61 4.31 -19.74
C VAL A 270 17.98 3.98 -19.18
N CYS A 271 18.24 2.70 -18.91
CA CYS A 271 19.53 2.29 -18.35
C CYS A 271 20.70 2.83 -19.17
N GLY A 272 20.50 2.89 -20.48
CA GLY A 272 21.55 3.32 -21.40
C GLY A 272 22.13 4.70 -21.14
N VAL A 273 21.34 5.58 -20.52
CA VAL A 273 21.81 6.95 -20.29
C VAL A 273 22.72 7.00 -19.06
N LEU A 274 22.68 5.95 -18.24
CA LEU A 274 23.52 5.86 -17.05
C LEU A 274 24.85 5.14 -17.30
N LYS A 275 25.29 5.09 -18.56
CA LYS A 275 26.50 4.35 -18.91
C LYS A 275 27.79 5.01 -18.44
N ASP A 276 27.71 6.28 -18.06
CA ASP A 276 28.87 7.03 -17.61
C ASP A 276 28.89 7.26 -16.09
N ARG A 277 27.94 6.64 -15.39
CA ARG A 277 27.89 6.73 -13.93
C ARG A 277 28.80 5.71 -13.28
N ASN A 278 28.94 5.78 -11.96
CA ASN A 278 29.80 4.88 -11.22
C ASN A 278 29.24 4.49 -9.85
N ASP A 279 29.62 3.29 -9.40
CA ASP A 279 29.28 2.79 -8.06
C ASP A 279 27.77 2.68 -7.83
N LEU A 280 27.02 2.42 -8.90
CA LEU A 280 25.58 2.16 -8.79
C LEU A 280 25.33 0.78 -8.21
N GLY A 281 24.14 0.58 -7.66
CA GLY A 281 23.74 -0.71 -7.13
C GLY A 281 22.45 -1.20 -7.77
N ILE A 282 22.20 -2.49 -7.68
CA ILE A 282 20.98 -3.08 -8.20
C ILE A 282 20.24 -3.89 -7.12
N HIS A 283 19.00 -3.49 -6.88
CA HIS A 283 18.05 -4.30 -6.13
C HIS A 283 16.69 -4.12 -6.81
N THR A 284 16.36 -5.08 -7.65
CA THR A 284 15.25 -4.95 -8.59
C THR A 284 14.41 -6.22 -8.56
N ASP A 285 13.16 -6.15 -8.97
CA ASP A 285 12.38 -7.36 -9.16
C ASP A 285 12.79 -7.97 -10.49
N VAL A 286 12.74 -7.16 -11.54
CA VAL A 286 13.10 -7.62 -12.87
C VAL A 286 14.54 -7.28 -13.18
N LEU A 287 15.29 -8.29 -13.63
CA LEU A 287 16.61 -8.08 -14.19
C LEU A 287 16.51 -8.14 -15.71
N ASN A 288 16.93 -7.06 -16.37
CA ASN A 288 16.76 -6.92 -17.82
C ASN A 288 18.08 -6.56 -18.50
N PRO A 289 18.13 -6.62 -19.85
CA PRO A 289 19.39 -6.35 -20.55
C PRO A 289 20.00 -4.98 -20.22
N GLY A 290 19.15 -3.99 -19.95
CA GLY A 290 19.64 -2.66 -19.64
C GLY A 290 20.48 -2.66 -18.38
N LEU A 291 19.97 -3.30 -17.34
CA LEU A 291 20.69 -3.41 -16.08
C LEU A 291 21.93 -4.28 -16.22
N VAL A 292 21.77 -5.41 -16.91
CA VAL A 292 22.89 -6.32 -17.14
C VAL A 292 24.01 -5.64 -17.91
N ASP A 293 23.64 -4.72 -18.80
CA ASP A 293 24.64 -3.96 -19.54
C ASP A 293 25.47 -3.10 -18.60
N LEU A 294 24.81 -2.48 -17.63
CA LEU A 294 25.52 -1.65 -16.65
C LEU A 294 26.44 -2.50 -15.77
N ILE A 295 26.06 -3.74 -15.51
CA ILE A 295 26.94 -4.66 -14.80
C ILE A 295 28.18 -4.96 -15.63
N ARG A 296 27.96 -5.34 -16.89
CA ARG A 296 29.05 -5.69 -17.79
C ARG A 296 30.08 -4.56 -17.89
N ARG A 297 29.61 -3.32 -17.86
CA ARG A 297 30.49 -2.16 -18.02
C ARG A 297 31.11 -1.73 -16.70
N GLY A 298 30.77 -2.44 -15.62
CA GLY A 298 31.28 -2.10 -14.30
C GLY A 298 30.71 -0.83 -13.70
N VAL A 299 29.65 -0.30 -14.31
CA VAL A 299 28.94 0.85 -13.72
C VAL A 299 28.34 0.45 -12.37
N VAL A 300 27.86 -0.79 -12.29
CA VAL A 300 27.26 -1.30 -11.07
C VAL A 300 28.32 -2.03 -10.23
N THR A 301 28.51 -1.58 -8.99
CA THR A 301 29.47 -2.22 -8.09
C THR A 301 28.79 -2.73 -6.81
N ASN A 302 27.56 -2.27 -6.57
CA ASN A 302 26.80 -2.68 -5.38
C ASN A 302 27.55 -2.44 -4.06
N GLN A 303 28.54 -1.56 -4.09
CA GLN A 303 29.40 -1.32 -2.94
C GLN A 303 28.84 -0.31 -1.95
N ARG A 304 27.82 0.43 -2.36
CA ARG A 304 27.17 1.41 -1.50
C ARG A 304 25.83 0.93 -0.97
N LYS A 305 25.46 -0.30 -1.28
CA LYS A 305 24.25 -0.90 -0.73
C LYS A 305 24.47 -1.29 0.72
N THR A 306 23.40 -1.22 1.51
CA THR A 306 23.44 -1.72 2.90
C THR A 306 23.26 -3.23 2.93
N LEU A 307 22.26 -3.72 2.20
CA LEU A 307 22.00 -5.16 2.12
C LEU A 307 22.67 -5.73 0.89
N ASP A 308 22.97 -7.02 0.90
CA ASP A 308 23.54 -7.73 -0.24
C ASP A 308 24.66 -6.95 -0.91
N ARG A 309 25.57 -6.41 -0.10
CA ARG A 309 26.63 -5.57 -0.62
C ARG A 309 27.54 -6.40 -1.54
N GLY A 310 27.89 -5.83 -2.68
CA GLY A 310 28.75 -6.48 -3.65
C GLY A 310 28.04 -7.29 -4.74
N ARG A 311 26.81 -7.70 -4.49
CA ARG A 311 26.06 -8.54 -5.43
C ARG A 311 24.78 -7.84 -5.89
N SER A 312 24.43 -8.03 -7.16
CA SER A 312 23.18 -7.49 -7.71
C SER A 312 21.99 -8.42 -7.46
N VAL A 313 20.92 -7.87 -6.91
CA VAL A 313 19.81 -8.68 -6.44
C VAL A 313 18.57 -8.54 -7.35
N PHE A 314 18.04 -9.69 -7.75
CA PHE A 314 16.87 -9.75 -8.64
C PHE A 314 16.00 -10.95 -8.28
N THR A 315 14.72 -10.92 -8.66
CA THR A 315 13.81 -12.02 -8.35
C THR A 315 13.38 -12.80 -9.59
N PHE A 316 13.46 -12.19 -10.77
CA PHE A 316 13.44 -12.95 -12.01
C PHE A 316 13.97 -12.12 -13.18
N ALA A 317 14.27 -12.82 -14.27
CA ALA A 317 14.98 -12.21 -15.40
C ALA A 317 14.21 -12.35 -16.72
N MET A 318 14.20 -11.27 -17.47
CA MET A 318 13.67 -11.23 -18.83
C MET A 318 14.72 -10.58 -19.71
N GLY A 319 15.04 -11.20 -20.85
CA GLY A 319 16.00 -10.60 -21.75
C GLY A 319 16.13 -11.33 -23.07
N GLN A 320 17.35 -11.37 -23.58
CA GLN A 320 17.68 -12.05 -24.83
C GLN A 320 18.81 -13.04 -24.57
N GLN A 321 19.11 -13.88 -25.55
CA GLN A 321 20.07 -14.96 -25.37
C GLN A 321 21.41 -14.47 -24.86
N GLU A 322 21.87 -13.34 -25.37
CA GLU A 322 23.11 -12.71 -24.94
C GLU A 322 23.10 -12.52 -23.42
N MET A 323 22.02 -11.93 -22.91
CA MET A 323 21.86 -11.70 -21.48
C MET A 323 21.80 -13.01 -20.70
N TYR A 324 20.96 -13.93 -21.14
CA TYR A 324 20.75 -15.20 -20.44
C TYR A 324 22.07 -15.92 -20.24
N GLU A 325 22.91 -15.92 -21.25
CA GLU A 325 24.21 -16.58 -21.20
C GLU A 325 25.13 -15.92 -20.17
N TYR A 326 25.02 -14.61 -20.04
CA TYR A 326 25.91 -13.84 -19.17
C TYR A 326 25.63 -14.12 -17.69
N LEU A 327 24.37 -14.46 -17.37
CA LEU A 327 23.99 -14.76 -15.99
C LEU A 327 24.59 -16.08 -15.52
N ASN A 328 25.06 -16.89 -16.46
CA ASN A 328 25.57 -18.21 -16.12
C ASN A 328 26.80 -18.16 -15.23
N ASP A 329 26.66 -18.72 -14.03
CA ASP A 329 27.76 -18.82 -13.06
C ASP A 329 28.39 -17.46 -12.74
N HIS A 330 27.57 -16.42 -12.66
CA HIS A 330 28.06 -15.09 -12.36
C HIS A 330 28.13 -14.86 -10.84
N PRO A 331 29.33 -14.60 -10.29
CA PRO A 331 29.44 -14.52 -8.82
C PRO A 331 29.02 -13.18 -8.22
N ALA A 332 28.73 -12.17 -9.04
CA ALA A 332 28.30 -10.87 -8.53
C ALA A 332 26.84 -10.60 -8.84
N ILE A 333 26.12 -11.64 -9.24
CA ILE A 333 24.68 -11.58 -9.45
C ILE A 333 24.04 -12.66 -8.59
N PHE A 334 23.02 -12.25 -7.84
CA PHE A 334 22.44 -13.09 -6.80
C PHE A 334 20.92 -12.96 -6.79
N SER A 335 20.22 -14.03 -7.09
CA SER A 335 18.76 -14.00 -7.16
C SER A 335 18.18 -14.29 -5.78
N ARG A 336 17.05 -13.65 -5.47
CA ARG A 336 16.37 -13.88 -4.20
C ARG A 336 14.85 -13.88 -4.37
N PRO A 337 14.14 -14.58 -3.47
CA PRO A 337 12.68 -14.71 -3.58
C PRO A 337 11.95 -13.38 -3.44
N VAL A 338 10.75 -13.30 -4.03
CA VAL A 338 10.04 -12.05 -4.19
C VAL A 338 9.58 -11.44 -2.86
N ASP A 339 9.30 -12.28 -1.87
CA ASP A 339 8.85 -11.79 -0.57
C ASP A 339 10.01 -11.13 0.20
N TYR A 340 11.23 -11.33 -0.26
CA TYR A 340 12.38 -10.55 0.20
C TYR A 340 12.60 -9.32 -0.67
N VAL A 341 12.77 -9.55 -1.96
CA VAL A 341 13.17 -8.51 -2.90
C VAL A 341 12.14 -7.39 -2.97
N ASN A 342 10.86 -7.75 -3.02
CA ASN A 342 9.79 -6.77 -3.15
C ASN A 342 9.19 -6.30 -1.83
N ASP A 343 9.79 -6.69 -0.70
CA ASP A 343 9.31 -6.22 0.59
C ASP A 343 9.72 -4.75 0.71
N PRO A 344 8.74 -3.84 0.79
CA PRO A 344 9.10 -2.41 0.83
C PRO A 344 10.07 -2.10 1.96
N HIS A 345 9.92 -2.78 3.09
CA HIS A 345 10.85 -2.60 4.19
C HIS A 345 12.29 -3.00 3.83
N ILE A 346 12.44 -4.06 3.03
CA ILE A 346 13.77 -4.49 2.60
C ILE A 346 14.35 -3.48 1.62
N ILE A 347 13.54 -3.09 0.64
CA ILE A 347 13.98 -2.14 -0.38
C ILE A 347 14.53 -0.86 0.23
N ALA A 348 13.83 -0.35 1.24
CA ALA A 348 14.16 0.95 1.83
C ALA A 348 15.46 0.96 2.63
N GLN A 349 16.00 -0.22 2.93
CA GLN A 349 17.21 -0.28 3.74
C GLN A 349 18.46 0.04 2.94
N ASN A 350 18.30 0.14 1.62
CA ASN A 350 19.37 0.65 0.76
C ASN A 350 19.16 2.15 0.53
N ASP A 351 20.22 2.92 0.68
CA ASP A 351 20.17 4.35 0.44
C ASP A 351 20.11 4.68 -1.04
N ASN A 352 19.47 5.80 -1.36
CA ASN A 352 19.42 6.34 -2.71
C ASN A 352 18.86 5.35 -3.73
N VAL A 353 17.78 4.66 -3.34
CA VAL A 353 17.07 3.81 -4.30
C VAL A 353 16.44 4.68 -5.38
N VAL A 354 16.56 4.23 -6.63
CA VAL A 354 15.81 4.84 -7.72
C VAL A 354 14.97 3.75 -8.37
N SER A 355 13.66 3.89 -8.23
CA SER A 355 12.71 2.97 -8.82
C SER A 355 12.15 3.58 -10.08
N ILE A 356 12.26 2.84 -11.18
CA ILE A 356 11.79 3.32 -12.48
C ILE A 356 10.80 2.33 -13.06
N ASN A 357 9.54 2.74 -13.09
CA ASN A 357 8.45 1.91 -13.60
C ASN A 357 7.71 2.63 -14.73
N ALA A 358 7.18 1.84 -15.66
CA ALA A 358 6.34 2.38 -16.72
C ALA A 358 4.88 2.28 -16.32
N THR A 359 4.04 3.11 -16.92
CA THR A 359 2.60 3.05 -16.69
C THR A 359 1.90 3.34 -18.01
N LEU A 360 0.65 2.89 -18.13
CA LEU A 360 -0.11 3.15 -19.35
C LEU A 360 -0.82 4.50 -19.32
N GLN A 361 -1.27 4.93 -18.15
CA GLN A 361 -1.89 6.26 -18.06
C GLN A 361 -1.91 6.81 -16.63
N ILE A 362 -1.77 8.13 -16.56
CA ILE A 362 -1.75 8.89 -15.31
C ILE A 362 -2.93 9.84 -15.32
N ASP A 363 -3.68 9.94 -14.22
CA ASP A 363 -4.75 10.93 -14.17
C ASP A 363 -4.31 12.15 -13.36
N LEU A 364 -5.24 13.09 -13.19
CA LEU A 364 -4.89 14.39 -12.64
C LEU A 364 -4.77 14.41 -11.12
N THR A 365 -5.16 13.32 -10.46
CA THR A 365 -4.90 13.18 -9.03
C THR A 365 -3.51 12.57 -8.77
N GLY A 366 -2.86 12.11 -9.83
CA GLY A 366 -1.54 11.51 -9.71
C GLY A 366 -1.60 10.00 -9.61
N ALA A 367 -2.80 9.42 -9.70
CA ALA A 367 -2.93 7.98 -9.72
C ALA A 367 -2.43 7.46 -11.06
N CYS A 368 -2.10 6.17 -11.11
CA CYS A 368 -1.49 5.58 -12.29
C CYS A 368 -2.12 4.22 -12.57
N ASN A 369 -2.26 3.91 -13.86
CA ASN A 369 -2.88 2.67 -14.28
C ASN A 369 -1.93 1.92 -15.21
N SER A 370 -2.02 0.59 -15.17
CA SER A 370 -1.17 -0.25 -16.00
C SER A 370 -1.98 -1.45 -16.47
N GLU A 371 -3.22 -1.14 -16.83
CA GLU A 371 -4.18 -2.07 -17.40
C GLU A 371 -4.85 -1.35 -18.56
N HIS A 372 -4.77 -1.93 -19.76
CA HIS A 372 -5.41 -1.35 -20.92
C HIS A 372 -6.92 -1.62 -20.92
N GLY A 382 1.75 -5.24 -11.68
CA GLY A 382 3.19 -5.35 -11.48
C GLY A 382 3.57 -5.39 -10.01
N GLY A 383 4.87 -5.47 -9.74
CA GLY A 383 5.37 -5.28 -8.40
C GLY A 383 5.69 -3.81 -8.20
N GLN A 384 5.09 -3.00 -9.06
CA GLN A 384 5.32 -1.57 -9.14
C GLN A 384 5.13 -0.89 -7.79
N LEU A 385 4.01 -1.20 -7.15
CA LEU A 385 3.60 -0.50 -5.93
C LEU A 385 4.58 -0.79 -4.80
N ASP A 386 5.13 -2.00 -4.80
CA ASP A 386 6.13 -2.37 -3.81
C ASP A 386 7.34 -1.45 -3.86
N PHE A 387 7.81 -1.15 -5.06
CA PHE A 387 8.99 -0.31 -5.24
C PHE A 387 8.68 1.18 -5.22
N VAL A 388 7.44 1.56 -5.52
CA VAL A 388 7.03 2.94 -5.31
C VAL A 388 7.12 3.23 -3.81
N ARG A 389 6.57 2.33 -3.00
CA ARG A 389 6.59 2.47 -1.56
C ARG A 389 8.01 2.33 -1.00
N GLY A 390 8.71 1.30 -1.46
CA GLY A 390 10.08 1.06 -1.01
C GLY A 390 11.00 2.22 -1.31
N ALA A 391 11.01 2.65 -2.57
CA ALA A 391 11.87 3.74 -3.00
C ALA A 391 11.66 5.01 -2.16
N TYR A 392 10.41 5.36 -1.90
CA TYR A 392 10.13 6.57 -1.12
C TYR A 392 10.71 6.48 0.29
N ALA A 393 10.62 5.29 0.89
CA ALA A 393 11.07 5.10 2.26
C ALA A 393 12.59 5.06 2.34
N SER A 394 13.24 4.76 1.22
CA SER A 394 14.69 4.73 1.20
C SER A 394 15.28 6.11 1.47
N LYS A 395 16.36 6.11 2.24
CA LYS A 395 17.12 7.31 2.58
C LYS A 395 17.66 7.96 1.31
N GLY A 396 16.97 8.99 0.82
CA GLY A 396 17.38 9.67 -0.41
C GLY A 396 16.80 9.03 -1.65
N GLY A 397 15.76 8.22 -1.45
CA GLY A 397 15.18 7.42 -2.52
C GLY A 397 14.21 8.17 -3.41
N ARG A 398 13.96 7.62 -4.59
CA ARG A 398 12.97 8.18 -5.52
C ARG A 398 12.20 7.10 -6.27
N SER A 399 10.87 7.19 -6.23
CA SER A 399 10.03 6.39 -7.12
C SER A 399 9.67 7.21 -8.33
N ILE A 400 10.09 6.77 -9.51
CA ILE A 400 9.72 7.43 -10.76
C ILE A 400 8.76 6.53 -11.52
N ILE A 401 7.63 7.10 -11.93
CA ILE A 401 6.71 6.42 -12.84
C ILE A 401 6.67 7.25 -14.11
N ALA A 402 7.00 6.63 -15.23
CA ALA A 402 7.17 7.37 -16.48
C ALA A 402 6.30 6.83 -17.61
N THR A 403 5.87 7.74 -18.47
CA THR A 403 5.19 7.37 -19.70
C THR A 403 5.28 8.50 -20.71
N PRO A 404 5.30 8.17 -22.01
CA PRO A 404 5.06 9.22 -22.99
C PRO A 404 3.65 9.79 -22.84
N SER A 405 3.50 11.10 -23.04
CA SER A 405 2.23 11.77 -22.80
C SER A 405 1.13 11.41 -23.81
N THR A 406 1.51 10.84 -24.95
CA THR A 406 0.53 10.53 -26.00
C THR A 406 0.68 9.13 -26.56
N ALA A 407 -0.40 8.65 -27.17
CA ALA A 407 -0.43 7.35 -27.85
C ALA A 407 -1.11 7.46 -29.20
N ALA A 408 -0.97 6.42 -30.02
CA ALA A 408 -1.61 6.36 -31.33
C ALA A 408 -1.25 7.54 -32.22
N LYS A 409 0.02 7.64 -32.60
CA LYS A 409 0.49 8.67 -33.51
C LYS A 409 0.08 10.08 -33.04
N GLY A 410 0.05 10.27 -31.72
CA GLY A 410 -0.15 11.59 -31.15
C GLY A 410 -1.60 11.98 -30.95
N THR A 411 -2.51 11.01 -31.07
CA THR A 411 -3.95 11.30 -31.13
C THR A 411 -4.70 11.05 -29.82
N VAL A 412 -4.15 10.18 -28.97
CA VAL A 412 -4.75 9.90 -27.67
C VAL A 412 -3.81 10.32 -26.54
N SER A 413 -4.39 10.87 -25.48
CA SER A 413 -3.60 11.31 -24.32
C SER A 413 -3.48 10.18 -23.30
N ARG A 414 -2.26 9.96 -22.83
CA ARG A 414 -2.03 9.01 -21.77
C ARG A 414 -2.22 9.68 -20.41
N ILE A 415 -2.12 11.01 -20.41
CA ILE A 415 -2.60 11.79 -19.28
C ILE A 415 -4.09 12.06 -19.51
N ILE A 416 -4.89 11.76 -18.50
CA ILE A 416 -6.35 11.78 -18.62
C ILE A 416 -6.94 12.47 -17.38
N PRO A 417 -8.24 12.80 -17.40
CA PRO A 417 -8.77 13.50 -16.22
C PRO A 417 -8.85 12.61 -14.97
N ARG A 418 -9.35 11.39 -15.11
CA ARG A 418 -9.53 10.51 -13.96
C ARG A 418 -9.59 9.07 -14.46
N ILE A 419 -9.18 8.14 -13.60
CA ILE A 419 -9.12 6.73 -13.96
C ILE A 419 -10.36 5.96 -13.52
N ASP A 420 -10.76 5.00 -14.35
CA ASP A 420 -11.93 4.18 -14.08
C ASP A 420 -11.58 2.98 -13.22
N GLY A 421 -12.09 3.00 -11.99
CA GLY A 421 -12.01 1.86 -11.10
C GLY A 421 -10.64 1.66 -10.48
N PRO A 422 -10.15 0.41 -10.47
CA PRO A 422 -8.91 0.15 -9.73
C PRO A 422 -7.67 0.67 -10.43
N VAL A 423 -6.79 1.30 -9.66
CA VAL A 423 -5.55 1.87 -10.18
C VAL A 423 -4.40 0.96 -9.77
N THR A 424 -3.25 1.15 -10.41
CA THR A 424 -2.08 0.34 -10.12
C THR A 424 -1.28 0.99 -8.99
N THR A 425 -0.98 2.27 -9.15
CA THR A 425 -0.35 3.06 -8.10
C THR A 425 -1.32 4.13 -7.63
N PRO A 426 -1.81 4.03 -6.37
CA PRO A 426 -2.73 5.06 -5.89
C PRO A 426 -2.05 6.40 -5.70
N ARG A 427 -2.85 7.48 -5.72
CA ARG A 427 -2.30 8.83 -5.71
C ARG A 427 -1.52 9.16 -4.44
N ILE A 428 -1.94 8.58 -3.32
CA ILE A 428 -1.27 8.85 -2.04
C ILE A 428 0.17 8.34 -2.06
N ASP A 429 0.40 7.27 -2.83
CA ASP A 429 1.69 6.60 -2.85
C ASP A 429 2.62 7.13 -3.94
N THR A 430 2.06 7.82 -4.94
CA THR A 430 2.85 8.28 -6.07
C THR A 430 3.87 9.32 -5.64
N HIS A 431 5.08 9.24 -6.19
CA HIS A 431 6.17 10.13 -5.80
C HIS A 431 6.54 11.08 -6.94
N TYR A 432 7.24 10.54 -7.95
CA TYR A 432 7.69 11.31 -9.10
C TYR A 432 7.01 10.76 -10.32
N ILE A 433 6.54 11.64 -11.20
CA ILE A 433 6.05 11.21 -12.51
C ILE A 433 6.78 11.97 -13.61
N VAL A 434 7.04 11.30 -14.72
CA VAL A 434 7.84 11.85 -15.81
C VAL A 434 7.19 11.60 -17.18
N THR A 435 7.09 12.66 -17.97
CA THR A 435 6.82 12.55 -19.40
C THR A 435 7.88 13.31 -20.16
N GLU A 436 7.78 13.34 -21.49
CA GLU A 436 8.76 14.03 -22.32
C GLU A 436 8.80 15.54 -22.04
N PHE A 437 7.81 16.03 -21.29
CA PHE A 437 7.68 17.46 -21.01
C PHE A 437 8.15 17.88 -19.61
N GLY A 438 8.68 16.94 -18.84
CA GLY A 438 9.26 17.26 -17.54
C GLY A 438 8.90 16.28 -16.43
N ALA A 439 9.28 16.63 -15.21
CA ALA A 439 9.05 15.78 -14.04
C ALA A 439 8.40 16.57 -12.88
N VAL A 440 7.48 15.91 -12.18
CA VAL A 440 6.83 16.50 -11.01
C VAL A 440 6.89 15.57 -9.81
N ASN A 441 7.36 16.10 -8.69
CA ASN A 441 7.29 15.39 -7.41
C ASN A 441 5.96 15.74 -6.76
N LEU A 442 5.11 14.73 -6.56
CA LEU A 442 3.74 14.97 -6.13
C LEU A 442 3.56 14.93 -4.62
N LYS A 443 4.56 14.42 -3.91
CA LYS A 443 4.45 14.29 -2.45
C LYS A 443 4.29 15.66 -1.81
N GLY A 444 3.22 15.80 -1.02
CA GLY A 444 2.95 17.02 -0.28
C GLY A 444 2.08 18.02 -1.03
N LEU A 445 1.83 17.77 -2.32
CA LEU A 445 1.02 18.68 -3.12
C LEU A 445 -0.46 18.42 -2.88
N SER A 446 -1.27 19.48 -2.99
CA SER A 446 -2.72 19.37 -2.86
C SER A 446 -3.32 18.81 -4.14
N SER A 447 -4.58 18.39 -4.07
CA SER A 447 -5.33 17.96 -5.24
C SER A 447 -5.19 18.99 -6.37
N THR A 448 -5.27 20.25 -5.98
CA THR A 448 -5.21 21.36 -6.93
C THR A 448 -3.82 21.53 -7.53
N GLU A 449 -2.80 21.61 -6.68
CA GLU A 449 -1.43 21.74 -7.15
C GLU A 449 -1.03 20.55 -8.03
N ARG A 450 -1.51 19.36 -7.66
CA ARG A 450 -1.27 18.16 -8.46
C ARG A 450 -1.84 18.30 -9.87
N ALA A 451 -3.14 18.56 -9.97
CA ALA A 451 -3.80 18.70 -11.26
C ALA A 451 -3.08 19.68 -12.19
N LEU A 452 -2.71 20.84 -11.67
CA LEU A 452 -2.03 21.86 -12.46
C LEU A 452 -0.67 21.39 -12.98
N ARG A 453 0.13 20.76 -12.14
CA ARG A 453 1.46 20.33 -12.55
C ARG A 453 1.37 19.16 -13.51
N ILE A 454 0.31 18.36 -13.36
CA ILE A 454 0.12 17.18 -14.19
C ILE A 454 -0.33 17.56 -15.59
N ILE A 455 -1.25 18.52 -15.67
CA ILE A 455 -1.72 19.02 -16.95
C ILE A 455 -0.53 19.55 -17.76
N GLU A 456 0.42 20.18 -17.08
CA GLU A 456 1.57 20.76 -17.76
C GLU A 456 2.55 19.70 -18.26
N LEU A 457 2.35 18.45 -17.84
CA LEU A 457 3.15 17.34 -18.33
C LEU A 457 2.50 16.68 -19.54
N ALA A 458 1.28 17.12 -19.86
CA ALA A 458 0.57 16.64 -21.03
C ALA A 458 1.05 17.32 -22.31
N HIS A 459 0.75 16.70 -23.44
CA HIS A 459 0.99 17.31 -24.74
C HIS A 459 0.17 18.60 -24.84
N PRO A 460 0.81 19.73 -25.24
CA PRO A 460 0.09 21.01 -25.37
C PRO A 460 -1.25 20.93 -26.11
N ASP A 461 -1.47 19.90 -26.90
CA ASP A 461 -2.76 19.75 -27.59
C ASP A 461 -3.89 19.55 -26.58
N PHE A 462 -3.69 18.63 -25.65
CA PHE A 462 -4.72 18.20 -24.72
C PHE A 462 -4.83 19.04 -23.45
N ARG A 463 -3.87 19.92 -23.21
CA ARG A 463 -3.86 20.73 -22.00
C ARG A 463 -5.13 21.55 -21.78
N ASP A 464 -5.59 22.27 -22.81
CA ASP A 464 -6.78 23.10 -22.68
C ASP A 464 -7.99 22.26 -22.26
N GLU A 465 -8.14 21.10 -22.91
CA GLU A 465 -9.28 20.23 -22.67
C GLU A 465 -9.19 19.53 -21.31
N LEU A 466 -7.97 19.23 -20.87
CA LEU A 466 -7.77 18.63 -19.55
C LEU A 466 -8.05 19.63 -18.44
N THR A 467 -7.59 20.86 -18.63
CA THR A 467 -7.88 21.96 -17.70
C THR A 467 -9.38 22.18 -17.54
N GLN A 468 -10.11 22.03 -18.63
CA GLN A 468 -11.55 22.21 -18.61
C GLN A 468 -12.19 21.06 -17.84
N ALA A 469 -11.68 19.85 -18.07
CA ALA A 469 -12.16 18.67 -17.39
C ALA A 469 -11.91 18.79 -15.90
N ALA A 470 -10.76 19.36 -15.54
CA ALA A 470 -10.38 19.52 -14.13
C ALA A 470 -11.32 20.49 -13.42
N LYS A 471 -11.75 21.54 -14.13
CA LYS A 471 -12.72 22.49 -13.59
C LYS A 471 -14.07 21.85 -13.35
N LYS A 472 -14.58 21.15 -14.36
CA LYS A 472 -15.86 20.45 -14.25
C LYS A 472 -15.78 19.40 -13.15
N MET A 473 -14.55 19.01 -12.81
CA MET A 473 -14.29 18.00 -11.79
C MET A 473 -14.04 18.60 -10.40
N HIS A 474 -13.90 19.92 -10.35
CA HIS A 474 -13.68 20.65 -9.10
C HIS A 474 -12.35 20.24 -8.44
N LEU A 475 -11.36 19.92 -9.26
CA LEU A 475 -9.98 19.80 -8.81
C LEU A 475 -9.19 21.10 -8.81
N ILE A 476 -9.70 22.13 -9.49
CA ILE A 476 -8.99 23.40 -9.59
C ILE A 476 -9.77 24.55 -8.94
N MET B 37 18.05 28.06 34.69
CA MET B 37 17.32 26.78 34.89
C MET B 37 16.05 26.98 35.72
N ASP B 38 15.74 28.21 36.08
CA ASP B 38 14.51 28.49 36.80
C ASP B 38 13.35 28.45 35.82
N ILE B 39 12.60 27.36 35.89
CA ILE B 39 11.54 27.09 34.92
C ILE B 39 10.32 27.96 35.18
N ARG B 40 10.05 28.28 36.44
CA ARG B 40 8.98 29.22 36.77
C ARG B 40 9.27 30.61 36.22
N ALA B 41 10.55 30.96 36.14
CA ALA B 41 10.95 32.22 35.52
C ALA B 41 10.76 32.09 34.03
N LEU B 42 11.22 30.95 33.50
CA LEU B 42 11.05 30.62 32.09
C LEU B 42 9.56 30.60 31.73
N TYR B 43 8.75 30.07 32.63
CA TYR B 43 7.31 29.95 32.43
C TYR B 43 6.60 31.30 32.36
N ASP B 44 6.98 32.22 33.25
CA ASP B 44 6.35 33.54 33.31
C ASP B 44 6.74 34.39 32.10
N GLU B 45 7.98 34.24 31.67
CA GLU B 45 8.48 34.94 30.50
C GLU B 45 7.71 34.53 29.24
N LYS B 46 7.31 33.27 29.19
CA LYS B 46 6.65 32.73 28.01
C LYS B 46 5.12 32.73 28.12
N LEU B 47 4.62 32.90 29.35
CA LEU B 47 3.18 33.01 29.54
C LEU B 47 2.64 34.28 28.89
N THR B 48 1.49 34.17 28.24
CA THR B 48 0.87 35.32 27.60
C THR B 48 -0.61 35.07 27.35
N THR B 49 -1.22 35.95 26.56
CA THR B 49 -2.63 35.81 26.19
C THR B 49 -2.75 35.18 24.81
N PRO B 50 -3.89 34.54 24.53
CA PRO B 50 -4.12 33.97 23.19
C PRO B 50 -3.88 34.97 22.06
N GLU B 51 -4.30 36.22 22.26
CA GLU B 51 -4.14 37.23 21.23
C GLU B 51 -2.68 37.57 20.93
N GLU B 52 -1.91 37.83 21.98
CA GLU B 52 -0.50 38.19 21.80
C GLU B 52 0.27 37.01 21.22
N ALA B 53 -0.10 35.81 21.64
CA ALA B 53 0.59 34.60 21.22
C ALA B 53 0.51 34.38 19.72
N VAL B 54 -0.69 34.54 19.17
CA VAL B 54 -0.91 34.29 17.74
C VAL B 54 -0.63 35.52 16.88
N SER B 55 -0.31 36.64 17.52
CA SER B 55 -0.15 37.92 16.82
C SER B 55 1.08 37.94 15.90
N SER B 56 2.07 37.11 16.20
CA SER B 56 3.34 37.13 15.47
C SER B 56 3.33 36.22 14.24
N ILE B 57 2.32 35.36 14.14
CA ILE B 57 2.20 34.42 13.02
C ILE B 57 2.16 35.18 11.70
N ALA B 58 3.07 34.82 10.80
CA ALA B 58 3.21 35.53 9.53
C ALA B 58 2.04 35.21 8.59
N SER B 59 1.65 36.21 7.80
CA SER B 59 0.80 35.96 6.66
C SER B 59 1.62 35.21 5.61
N GLY B 60 0.96 34.35 4.84
CA GLY B 60 1.65 33.60 3.81
C GLY B 60 2.41 32.38 4.31
N SER B 61 2.26 32.08 5.60
CA SER B 61 3.01 30.97 6.20
C SER B 61 2.18 29.68 6.22
N HIS B 62 2.78 28.63 6.77
CA HIS B 62 2.11 27.35 6.96
C HIS B 62 1.94 27.08 8.45
N LEU B 63 0.72 26.77 8.86
CA LEU B 63 0.44 26.42 10.25
C LEU B 63 -0.18 25.03 10.33
N SER B 64 0.03 24.37 11.45
CA SER B 64 -0.57 23.06 11.71
C SER B 64 -0.92 22.98 13.18
N MET B 65 -1.62 21.92 13.57
CA MET B 65 -2.12 21.81 14.92
C MET B 65 -2.33 20.35 15.32
N GLY B 66 -2.66 20.13 16.59
CA GLY B 66 -2.87 18.80 17.10
C GLY B 66 -4.18 18.24 16.57
N MET B 67 -4.38 16.94 16.77
CA MET B 67 -5.57 16.26 16.28
C MET B 67 -6.70 16.29 17.31
N PHE B 68 -7.90 16.59 16.84
CA PHE B 68 -9.12 16.45 17.63
C PHE B 68 -9.04 17.22 18.95
N ALA B 69 -9.13 16.53 20.09
CA ALA B 69 -9.19 17.19 21.39
C ALA B 69 -7.93 18.00 21.69
N ALA B 70 -6.86 17.73 20.93
CA ALA B 70 -5.62 18.46 21.09
C ALA B 70 -5.63 19.78 20.33
N GLU B 71 -6.70 20.04 19.57
CA GLU B 71 -6.88 21.33 18.94
C GLU B 71 -7.05 22.36 20.04
N PRO B 72 -6.24 23.43 20.03
CA PRO B 72 -6.32 24.37 21.16
C PRO B 72 -7.36 25.47 20.93
N PRO B 73 -8.48 25.44 21.69
CA PRO B 73 -9.58 26.36 21.39
C PRO B 73 -9.26 27.84 21.58
N ALA B 74 -8.53 28.19 22.64
CA ALA B 74 -8.26 29.60 22.92
C ALA B 74 -7.37 30.19 21.84
N LEU B 75 -6.35 29.46 21.43
CA LEU B 75 -5.46 29.91 20.36
C LEU B 75 -6.16 29.97 19.01
N LEU B 76 -6.96 28.95 18.70
CA LEU B 76 -7.62 28.92 17.40
C LEU B 76 -8.69 30.02 17.33
N LYS B 77 -9.38 30.27 18.44
CA LYS B 77 -10.33 31.37 18.45
C LYS B 77 -9.59 32.68 18.22
N ALA B 78 -8.49 32.89 18.93
CA ALA B 78 -7.70 34.11 18.80
C ALA B 78 -7.20 34.27 17.37
N LEU B 79 -6.86 33.15 16.73
CA LEU B 79 -6.34 33.16 15.38
C LEU B 79 -7.43 33.50 14.38
N ALA B 80 -8.64 32.97 14.61
CA ALA B 80 -9.79 33.30 13.76
C ALA B 80 -10.15 34.78 13.90
N ASP B 81 -10.21 35.25 15.15
CA ASP B 81 -10.54 36.64 15.43
C ASP B 81 -9.60 37.55 14.67
N ARG B 82 -8.33 37.15 14.63
CA ARG B 82 -7.31 37.89 13.91
C ARG B 82 -7.61 37.94 12.41
N ALA B 83 -8.12 36.84 11.88
CA ALA B 83 -8.56 36.80 10.48
C ALA B 83 -9.78 37.71 10.28
N THR B 84 -10.68 37.71 11.24
CA THR B 84 -11.89 38.51 11.16
C THR B 84 -11.53 39.99 11.13
N ARG B 85 -10.50 40.38 11.88
CA ARG B 85 -10.01 41.75 11.87
C ARG B 85 -9.23 42.07 10.59
N GLY B 86 -8.96 41.04 9.79
CA GLY B 86 -8.21 41.21 8.57
C GLY B 86 -6.71 41.38 8.80
N ASP B 87 -6.23 40.95 9.97
CA ASP B 87 -4.84 41.18 10.36
C ASP B 87 -3.91 40.06 9.91
N ILE B 88 -4.45 39.02 9.29
CA ILE B 88 -3.65 37.94 8.74
C ILE B 88 -4.27 37.39 7.46
N GLY B 89 -3.44 36.86 6.57
CA GLY B 89 -3.91 36.36 5.30
C GLY B 89 -2.98 35.34 4.69
N ASP B 90 -3.48 34.62 3.69
CA ASP B 90 -2.72 33.59 2.98
C ASP B 90 -2.11 32.58 3.94
N LEU B 91 -2.88 32.18 4.95
CA LEU B 91 -2.40 31.20 5.92
C LEU B 91 -2.98 29.82 5.62
N ARG B 92 -2.12 28.90 5.21
CA ARG B 92 -2.53 27.53 4.98
C ARG B 92 -2.44 26.77 6.28
N VAL B 93 -3.55 26.13 6.67
CA VAL B 93 -3.54 25.27 7.85
C VAL B 93 -3.59 23.80 7.40
N TYR B 94 -2.53 23.06 7.72
CA TYR B 94 -2.44 21.65 7.37
C TYR B 94 -2.77 20.82 8.61
N TYR B 95 -3.72 19.90 8.48
CA TYR B 95 -4.27 19.24 9.65
C TYR B 95 -4.92 17.89 9.36
N PHE B 96 -5.16 17.13 10.43
CA PHE B 96 -5.82 15.84 10.38
C PHE B 96 -6.98 15.82 11.37
N GLU B 97 -8.08 15.15 11.01
CA GLU B 97 -9.14 14.86 11.97
C GLU B 97 -9.69 16.09 12.68
N THR B 98 -10.50 16.88 11.98
CA THR B 98 -11.07 18.06 12.59
C THR B 98 -12.03 17.72 13.71
N ALA B 99 -12.19 18.69 14.60
CA ALA B 99 -13.22 18.65 15.62
C ALA B 99 -13.89 20.01 15.51
N LYS B 100 -15.08 20.13 16.09
CA LYS B 100 -15.84 21.38 15.99
C LYS B 100 -15.01 22.60 16.44
N ILE B 101 -13.98 22.37 17.24
CA ILE B 101 -13.15 23.46 17.76
C ILE B 101 -12.53 24.27 16.62
N ALA B 102 -11.89 23.57 15.67
CA ALA B 102 -11.38 24.23 14.48
C ALA B 102 -12.56 24.63 13.59
N GLY B 103 -13.58 23.78 13.56
CA GLY B 103 -14.74 23.99 12.72
C GLY B 103 -15.48 25.28 13.04
N ASP B 104 -15.57 25.62 14.33
CA ASP B 104 -16.25 26.84 14.75
C ASP B 104 -15.39 28.09 14.72
N THR B 105 -14.10 27.92 14.54
CA THR B 105 -13.18 29.04 14.62
C THR B 105 -12.54 29.30 13.26
N ILE B 106 -11.31 28.83 13.08
CA ILE B 106 -10.54 29.19 11.91
C ILE B 106 -11.15 28.63 10.62
N LEU B 107 -11.98 27.60 10.75
CA LEU B 107 -12.52 26.90 9.58
C LEU B 107 -13.95 27.34 9.25
N ARG B 108 -14.42 28.42 9.86
CA ARG B 108 -15.73 28.96 9.52
C ARG B 108 -15.63 29.50 8.09
N TYR B 109 -16.64 29.19 7.28
CA TYR B 109 -16.61 29.50 5.84
C TYR B 109 -16.14 30.91 5.48
N GLU B 110 -16.50 31.89 6.30
CA GLU B 110 -16.21 33.30 6.00
C GLU B 110 -14.72 33.64 5.99
N LEU B 111 -13.91 32.80 6.62
CA LEU B 111 -12.49 33.12 6.82
C LEU B 111 -11.56 32.47 5.79
N ASN B 112 -12.14 31.72 4.85
CA ASN B 112 -11.33 30.76 4.08
C ASN B 112 -10.47 31.38 2.97
N ASN B 113 -10.63 32.67 2.71
CA ASN B 113 -9.73 33.36 1.77
C ASN B 113 -8.48 33.83 2.52
N ARG B 114 -8.51 33.71 3.84
CA ARG B 114 -7.39 34.09 4.70
C ARG B 114 -6.77 32.85 5.36
N ILE B 115 -7.63 32.05 6.00
CA ILE B 115 -7.20 30.78 6.58
C ILE B 115 -7.67 29.66 5.67
N LYS B 116 -6.72 29.08 4.95
CA LYS B 116 -7.03 28.17 3.86
C LYS B 116 -6.94 26.71 4.31
N PRO B 117 -8.10 26.03 4.39
CA PRO B 117 -8.05 24.64 4.86
C PRO B 117 -7.33 23.72 3.88
N TYR B 118 -6.21 23.16 4.34
CA TYR B 118 -5.50 22.14 3.56
C TYR B 118 -5.68 20.82 4.29
N SER B 119 -6.86 20.25 4.12
CA SER B 119 -7.29 19.06 4.85
C SER B 119 -6.58 17.80 4.38
N MET B 120 -6.55 16.79 5.25
CA MET B 120 -5.95 15.50 4.90
C MET B 120 -6.87 14.33 5.26
N PHE B 121 -7.80 14.57 6.18
CA PHE B 121 -9.02 13.76 6.26
C PHE B 121 -10.17 14.60 5.73
N VAL B 122 -11.22 13.96 5.25
CA VAL B 122 -12.49 14.65 4.98
C VAL B 122 -13.50 14.19 6.03
N THR B 123 -13.85 15.10 6.92
CA THR B 123 -14.86 14.86 7.93
C THR B 123 -16.12 15.63 7.57
N ALA B 124 -17.06 15.70 8.50
CA ALA B 124 -18.31 16.42 8.27
C ALA B 124 -18.06 17.90 7.97
N VAL B 125 -17.07 18.47 8.65
CA VAL B 125 -16.75 19.89 8.51
C VAL B 125 -16.36 20.32 7.10
N GLU B 126 -15.42 19.62 6.48
CA GLU B 126 -14.99 20.00 5.14
C GLU B 126 -16.14 19.77 4.17
N ARG B 127 -16.85 18.68 4.40
CA ARG B 127 -17.98 18.31 3.55
C ARG B 127 -19.00 19.46 3.55
N ALA B 128 -19.27 19.99 4.74
CA ALA B 128 -20.14 21.17 4.88
C ALA B 128 -19.59 22.40 4.17
N LEU B 129 -18.29 22.65 4.32
CA LEU B 129 -17.67 23.81 3.68
C LEU B 129 -17.75 23.68 2.16
N ILE B 130 -17.49 22.48 1.65
CA ILE B 130 -17.55 22.24 0.22
C ILE B 130 -18.95 22.52 -0.36
N ARG B 131 -20.00 21.99 0.28
CA ARG B 131 -21.37 22.24 -0.18
C ARG B 131 -21.62 23.73 -0.37
N ARG B 132 -21.26 24.50 0.64
CA ARG B 132 -21.44 25.95 0.64
C ARG B 132 -20.65 26.64 -0.48
N GLY B 133 -19.48 26.09 -0.81
CA GLY B 133 -18.68 26.63 -1.88
C GLY B 133 -19.37 26.48 -3.22
N ILE B 134 -20.00 25.32 -3.43
CA ILE B 134 -20.79 25.08 -4.62
C ILE B 134 -21.92 26.09 -4.73
N GLU B 135 -22.60 26.34 -3.61
CA GLU B 135 -23.66 27.34 -3.57
C GLU B 135 -23.17 28.72 -4.01
N ASP B 136 -21.90 29.01 -3.71
CA ASP B 136 -21.30 30.30 -4.02
C ASP B 136 -20.72 30.38 -5.44
N GLY B 137 -21.43 29.81 -6.41
CA GLY B 137 -20.99 29.87 -7.79
C GLY B 137 -19.76 29.04 -8.07
N GLY B 138 -19.76 27.82 -7.54
CA GLY B 138 -18.72 26.84 -7.83
C GLY B 138 -17.35 27.24 -7.35
N ARG B 139 -17.27 27.90 -6.20
CA ARG B 139 -15.99 28.16 -5.57
C ARG B 139 -15.36 26.88 -5.01
N LYS B 140 -14.07 26.70 -5.26
CA LYS B 140 -13.30 25.67 -4.55
C LYS B 140 -12.77 26.29 -3.26
N VAL B 141 -13.20 25.72 -2.13
CA VAL B 141 -13.02 26.35 -0.82
C VAL B 141 -12.24 25.49 0.19
N VAL B 142 -12.04 24.21 -0.11
CA VAL B 142 -11.25 23.31 0.72
C VAL B 142 -10.22 22.55 -0.10
N ASN B 143 -8.95 22.63 0.30
CA ASN B 143 -7.90 21.86 -0.37
C ASN B 143 -7.70 20.51 0.31
N TYR B 144 -7.45 19.49 -0.49
CA TYR B 144 -7.15 18.15 0.01
C TYR B 144 -5.71 17.80 -0.31
N VAL B 145 -5.02 17.22 0.65
CA VAL B 145 -3.65 16.77 0.48
C VAL B 145 -3.57 15.27 0.67
N PRO B 146 -3.52 14.51 -0.44
CA PRO B 146 -3.38 13.05 -0.35
C PRO B 146 -2.10 12.63 0.35
N SER B 147 -2.19 11.65 1.22
CA SER B 147 -1.08 11.25 2.07
C SER B 147 -1.39 9.98 2.83
N ASN B 148 -0.36 9.18 3.09
CA ASN B 148 -0.47 8.09 4.05
C ASN B 148 -0.33 8.68 5.44
N PHE B 149 -1.11 8.17 6.39
CA PHE B 149 -1.10 8.72 7.74
C PHE B 149 0.27 8.54 8.39
N HIS B 150 0.88 7.37 8.20
CA HIS B 150 2.16 7.09 8.83
C HIS B 150 3.30 7.95 8.24
N GLN B 151 3.06 8.55 7.07
CA GLN B 151 4.03 9.47 6.47
C GLN B 151 3.74 10.94 6.79
N ALA B 152 2.75 11.19 7.63
CA ALA B 152 2.30 12.56 7.90
C ALA B 152 3.41 13.44 8.50
N PRO B 153 4.18 12.91 9.46
CA PRO B 153 5.25 13.75 10.03
C PRO B 153 6.26 14.21 8.99
N ARG B 154 6.66 13.31 8.09
CA ARG B 154 7.62 13.65 7.05
C ARG B 154 7.05 14.64 6.04
N LEU B 155 5.84 14.39 5.55
CA LEU B 155 5.18 15.29 4.62
C LEU B 155 5.08 16.71 5.19
N LEU B 156 4.69 16.79 6.45
CA LEU B 156 4.43 18.08 7.07
C LEU B 156 5.74 18.81 7.39
N ALA B 157 6.74 18.07 7.84
CA ALA B 157 8.01 18.67 8.23
C ALA B 157 8.91 18.95 7.03
N GLU B 158 8.91 18.05 6.06
CA GLU B 158 9.88 18.11 4.96
C GLU B 158 9.28 18.54 3.61
N GLU B 159 8.31 17.78 3.09
CA GLU B 159 7.78 18.06 1.76
C GLU B 159 6.94 19.34 1.72
N ILE B 160 6.26 19.63 2.83
CA ILE B 160 5.36 20.79 2.91
C ILE B 160 6.00 21.91 3.73
N GLY B 161 6.46 21.57 4.92
CA GLY B 161 7.04 22.55 5.83
C GLY B 161 5.98 23.24 6.65
N ILE B 162 6.20 23.30 7.95
CA ILE B 162 5.27 23.95 8.88
C ILE B 162 6.01 24.99 9.72
N ASP B 163 5.52 26.22 9.69
CA ASP B 163 6.18 27.34 10.32
C ASP B 163 5.72 27.54 11.77
N THR B 164 4.44 27.28 12.03
CA THR B 164 3.86 27.46 13.35
C THR B 164 3.00 26.26 13.72
N PHE B 165 3.26 25.67 14.90
CA PHE B 165 2.46 24.55 15.40
C PHE B 165 1.81 24.90 16.73
N MET B 166 0.54 24.53 16.88
CA MET B 166 -0.22 24.84 18.10
C MET B 166 -0.87 23.58 18.65
N HIS B 167 -0.91 23.44 19.98
CA HIS B 167 -1.27 22.18 20.61
C HIS B 167 -1.70 22.36 22.07
N THR B 168 -2.71 21.62 22.51
CA THR B 168 -3.07 21.59 23.92
C THR B 168 -2.13 20.65 24.65
N VAL B 169 -1.70 21.03 25.85
CA VAL B 169 -0.78 20.23 26.64
C VAL B 169 -1.20 20.11 28.10
N SER B 170 -0.65 19.10 28.78
CA SER B 170 -0.85 18.97 30.21
C SER B 170 -0.10 20.08 30.94
N PRO B 171 -0.48 20.35 32.19
CA PRO B 171 0.26 21.37 32.95
C PRO B 171 1.73 20.98 33.11
N MET B 172 2.61 21.97 33.15
CA MET B 172 4.04 21.72 33.27
C MET B 172 4.34 20.98 34.56
N ASP B 173 5.29 20.04 34.51
CA ASP B 173 5.65 19.24 35.68
C ASP B 173 6.87 19.80 36.37
N CYS B 174 7.31 19.14 37.44
CA CYS B 174 8.36 19.68 38.30
C CYS B 174 9.73 19.79 37.62
N HIS B 175 9.88 19.18 36.45
CA HIS B 175 11.12 19.28 35.69
C HIS B 175 10.99 20.16 34.44
N GLY B 176 9.86 20.83 34.30
CA GLY B 176 9.66 21.77 33.21
C GLY B 176 9.19 21.14 31.92
N TYR B 177 8.44 20.05 32.02
CA TYR B 177 7.99 19.31 30.86
C TYR B 177 6.47 19.38 30.70
N PHE B 178 6.03 19.61 29.46
CA PHE B 178 4.62 19.49 29.11
C PHE B 178 4.39 18.15 28.44
N SER B 179 3.14 17.68 28.46
CA SER B 179 2.79 16.45 27.76
C SER B 179 1.81 16.77 26.64
N LEU B 180 2.01 16.14 25.49
CA LEU B 180 1.06 16.27 24.39
C LEU B 180 -0.23 15.52 24.71
N GLY B 181 -0.22 14.78 25.82
CA GLY B 181 -1.41 14.13 26.34
C GLY B 181 -2.02 13.13 25.39
N VAL B 182 -3.18 13.47 24.85
CA VAL B 182 -3.94 12.55 24.00
C VAL B 182 -3.40 12.52 22.57
N GLY B 183 -2.34 13.25 22.34
CA GLY B 183 -1.76 13.26 21.03
C GLY B 183 -0.30 12.94 20.96
N ASN B 184 0.07 12.08 20.03
CA ASN B 184 1.44 11.96 19.63
C ASN B 184 1.46 12.23 18.18
N ASP B 185 0.92 11.29 17.43
CA ASP B 185 0.54 11.48 16.07
C ASP B 185 1.68 12.10 15.32
N TYR B 186 1.40 13.12 14.54
CA TYR B 186 2.46 13.85 13.86
C TYR B 186 2.94 15.02 14.68
N SER B 187 2.28 15.29 15.79
CA SER B 187 2.58 16.44 16.61
C SER B 187 3.93 16.42 17.27
N SER B 188 4.38 15.26 17.69
CA SER B 188 5.65 15.18 18.37
C SER B 188 6.76 15.66 17.48
N ARG B 189 6.68 15.26 16.22
CA ARG B 189 7.64 15.73 15.23
C ARG B 189 7.49 17.18 14.85
N ILE B 190 6.28 17.56 14.56
CA ILE B 190 6.04 18.91 14.07
C ILE B 190 6.22 19.98 15.15
N ALA B 191 5.98 19.62 16.42
CA ALA B 191 6.22 20.56 17.52
C ALA B 191 7.69 20.95 17.63
N ARG B 192 8.58 20.12 17.11
CA ARG B 192 10.02 20.38 17.17
C ARG B 192 10.57 20.93 15.86
N SER B 193 9.95 20.56 14.74
CA SER B 193 10.43 20.99 13.44
C SER B 193 9.94 22.40 13.12
N ALA B 194 8.78 22.76 13.66
CA ALA B 194 8.23 24.10 13.44
C ALA B 194 9.08 25.14 14.16
N ARG B 195 9.25 26.30 13.52
CA ARG B 195 10.06 27.37 14.09
C ARG B 195 9.42 27.95 15.34
N ARG B 196 8.09 27.93 15.40
CA ARG B 196 7.36 28.43 16.55
C ARG B 196 6.38 27.39 17.05
N PHE B 197 6.49 27.06 18.34
CA PHE B 197 5.61 26.10 18.98
C PHE B 197 4.83 26.81 20.08
N ILE B 198 3.51 26.81 19.95
CA ILE B 198 2.64 27.48 20.90
C ILE B 198 1.79 26.44 21.61
N VAL B 199 1.84 26.44 22.95
CA VAL B 199 1.10 25.46 23.73
C VAL B 199 -0.03 26.11 24.52
N GLU B 200 -1.10 25.34 24.70
CA GLU B 200 -2.25 25.76 25.48
C GLU B 200 -2.38 24.83 26.68
N VAL B 201 -2.02 25.33 27.86
CA VAL B 201 -2.07 24.51 29.06
C VAL B 201 -3.51 24.31 29.51
N ASN B 202 -3.86 23.05 29.74
CA ASN B 202 -5.22 22.67 30.13
C ASN B 202 -5.14 21.51 31.11
N ARG B 203 -5.46 21.77 32.38
CA ARG B 203 -5.34 20.76 33.42
C ARG B 203 -6.30 19.59 33.22
N TYR B 204 -7.22 19.73 32.26
CA TYR B 204 -8.07 18.61 31.87
C TYR B 204 -7.36 17.72 30.86
N MET B 205 -6.19 18.16 30.38
CA MET B 205 -5.38 17.35 29.48
C MET B 205 -4.49 16.41 30.31
N PRO B 206 -4.68 15.08 30.15
CA PRO B 206 -3.88 14.14 30.96
C PRO B 206 -2.39 14.20 30.67
N ARG B 207 -1.58 14.00 31.71
CA ARG B 207 -0.14 13.85 31.54
C ARG B 207 0.13 12.41 31.12
N VAL B 208 0.63 12.25 29.91
CA VAL B 208 0.74 10.93 29.28
C VAL B 208 2.18 10.62 28.92
N GLN B 209 2.60 9.41 29.25
CA GLN B 209 3.95 8.95 28.99
C GLN B 209 4.04 8.38 27.59
N GLY B 210 5.14 8.64 26.89
CA GLY B 210 5.29 8.18 25.54
C GLY B 210 6.55 8.66 24.85
N GLU B 211 6.86 8.07 23.70
CA GLU B 211 8.03 8.48 22.93
C GLU B 211 7.85 9.91 22.42
N ALA B 212 8.69 10.81 22.90
CA ALA B 212 8.65 12.21 22.48
C ALA B 212 7.32 12.86 22.85
N ALA B 213 6.59 12.23 23.78
CA ALA B 213 5.32 12.77 24.24
C ALA B 213 5.54 14.00 25.12
N ALA B 214 6.67 14.02 25.81
CA ALA B 214 7.01 15.14 26.70
C ALA B 214 7.82 16.21 25.98
N ILE B 215 7.50 17.47 26.23
CA ILE B 215 8.21 18.60 25.63
C ILE B 215 8.74 19.52 26.73
N HIS B 216 10.04 19.76 26.75
CA HIS B 216 10.61 20.67 27.74
C HIS B 216 10.25 22.12 27.40
N ILE B 217 10.11 22.93 28.43
CA ILE B 217 9.72 24.33 28.29
C ILE B 217 10.71 25.10 27.42
N SER B 218 11.98 24.73 27.50
CA SER B 218 13.01 25.35 26.66
C SER B 218 12.68 25.21 25.17
N GLU B 219 11.92 24.17 24.83
CA GLU B 219 11.51 23.94 23.44
C GLU B 219 10.19 24.64 23.08
N VAL B 220 9.56 25.28 24.05
CA VAL B 220 8.28 25.96 23.81
C VAL B 220 8.55 27.45 23.61
N ASP B 221 7.85 28.05 22.65
CA ASP B 221 8.06 29.46 22.33
C ASP B 221 7.07 30.38 23.03
N ALA B 222 5.90 29.84 23.36
CA ALA B 222 4.90 30.63 24.08
C ALA B 222 3.84 29.75 24.73
N ILE B 223 3.32 30.23 25.86
CA ILE B 223 2.35 29.51 26.66
C ILE B 223 1.11 30.35 26.91
N VAL B 224 -0.06 29.75 26.73
CA VAL B 224 -1.31 30.33 27.23
C VAL B 224 -2.03 29.28 28.08
N GLU B 225 -2.92 29.75 28.95
CA GLU B 225 -3.64 28.87 29.86
C GLU B 225 -5.14 28.93 29.59
N ASN B 226 -5.74 27.76 29.49
CA ASN B 226 -7.18 27.65 29.27
C ASN B 226 -7.67 26.31 29.82
N HIS B 227 -8.21 26.34 31.03
CA HIS B 227 -8.63 25.12 31.70
C HIS B 227 -10.10 24.86 31.43
N VAL B 228 -10.36 23.95 30.50
CA VAL B 228 -11.73 23.58 30.11
C VAL B 228 -11.79 22.11 29.74
N PRO B 229 -12.97 21.48 29.90
CA PRO B 229 -13.14 20.08 29.46
C PRO B 229 -12.64 19.81 28.03
N LEU B 230 -12.10 18.62 27.81
CA LEU B 230 -11.69 18.22 26.46
C LEU B 230 -12.93 17.82 25.68
N ILE B 231 -12.91 18.08 24.38
CA ILE B 231 -14.05 17.71 23.53
C ILE B 231 -14.18 16.20 23.48
N GLU B 232 -15.42 15.73 23.46
CA GLU B 232 -15.71 14.30 23.52
C GLU B 232 -16.29 13.74 22.21
N MET B 233 -15.92 12.50 21.89
CA MET B 233 -16.67 11.72 20.92
C MET B 233 -18.11 11.62 21.39
N PRO B 234 -19.08 11.84 20.50
CA PRO B 234 -20.46 11.71 20.96
C PRO B 234 -20.79 10.23 21.16
N VAL B 235 -21.57 9.90 22.18
CA VAL B 235 -21.92 8.51 22.41
C VAL B 235 -23.08 8.12 21.50
N ARG B 236 -22.79 7.25 20.54
CA ARG B 236 -23.77 6.85 19.54
C ARG B 236 -24.41 5.54 19.98
N SER B 237 -25.74 5.51 20.00
CA SER B 237 -26.48 4.31 20.37
C SER B 237 -26.30 3.20 19.34
N ALA B 238 -25.92 2.01 19.82
CA ALA B 238 -25.70 0.86 18.95
C ALA B 238 -26.97 0.46 18.20
N ILE B 239 -26.79 0.15 16.92
CA ILE B 239 -27.86 -0.40 16.08
C ILE B 239 -27.76 -1.93 16.13
N PRO B 240 -28.86 -2.64 15.81
CA PRO B 240 -28.93 -4.06 16.17
C PRO B 240 -27.98 -4.98 15.40
N GLU B 241 -27.56 -4.57 14.20
CA GLU B 241 -26.62 -5.36 13.42
C GLU B 241 -25.31 -5.57 14.18
N TYR B 242 -24.88 -4.53 14.89
CA TYR B 242 -23.63 -4.54 15.64
C TYR B 242 -23.50 -5.73 16.58
N THR B 243 -24.63 -6.33 16.97
CA THR B 243 -24.62 -7.50 17.83
C THR B 243 -23.96 -8.71 17.18
N SER B 244 -24.56 -9.20 16.09
CA SER B 244 -24.00 -10.33 15.35
C SER B 244 -22.60 -9.99 14.86
N ILE B 245 -22.44 -8.80 14.27
CA ILE B 245 -21.16 -8.34 13.77
C ILE B 245 -20.08 -8.51 14.83
N SER B 246 -20.31 -7.92 16.00
CA SER B 246 -19.35 -8.02 17.10
C SER B 246 -19.07 -9.46 17.47
N HIS B 247 -20.11 -10.30 17.45
CA HIS B 247 -19.97 -11.70 17.81
C HIS B 247 -19.26 -12.52 16.73
N ILE B 248 -19.48 -12.17 15.47
CA ILE B 248 -18.71 -12.77 14.38
C ILE B 248 -17.23 -12.42 14.57
N ILE B 249 -16.96 -11.16 14.88
CA ILE B 249 -15.60 -10.67 15.01
C ILE B 249 -14.89 -11.34 16.18
N ALA B 250 -15.60 -11.47 17.30
CA ALA B 250 -15.05 -12.14 18.48
C ALA B 250 -14.57 -13.54 18.13
N ASP B 251 -15.25 -14.15 17.17
CA ASP B 251 -14.93 -15.50 16.75
C ASP B 251 -13.57 -15.55 16.04
N LEU B 252 -13.13 -14.39 15.56
CA LEU B 252 -11.86 -14.29 14.84
C LEU B 252 -10.74 -13.73 15.72
N VAL B 253 -11.03 -13.48 16.99
CA VAL B 253 -10.03 -12.96 17.91
C VAL B 253 -9.48 -14.08 18.81
N PRO B 254 -8.23 -14.51 18.58
CA PRO B 254 -7.67 -15.55 19.44
C PRO B 254 -7.13 -14.97 20.74
N ASP B 255 -6.79 -15.83 21.70
CA ASP B 255 -6.14 -15.36 22.92
C ASP B 255 -4.76 -14.80 22.59
N GLY B 256 -4.37 -13.76 23.30
CA GLY B 256 -3.11 -13.10 23.06
C GLY B 256 -3.12 -12.21 21.84
N ALA B 257 -4.31 -11.71 21.48
CA ALA B 257 -4.45 -10.84 20.32
C ALA B 257 -3.90 -9.46 20.60
N CYS B 258 -3.29 -8.84 19.57
CA CYS B 258 -2.79 -7.48 19.67
C CYS B 258 -3.73 -6.54 18.92
N LEU B 259 -4.59 -5.85 19.66
CA LEU B 259 -5.70 -5.11 19.06
C LEU B 259 -5.35 -3.73 18.52
N GLN B 260 -5.90 -3.43 17.35
CA GLN B 260 -6.04 -2.06 16.87
C GLN B 260 -7.51 -1.80 16.58
N MET B 261 -8.01 -0.64 17.03
CA MET B 261 -9.38 -0.22 16.72
C MET B 261 -9.32 1.11 15.97
N GLY B 262 -10.13 1.22 14.93
CA GLY B 262 -10.11 2.40 14.07
C GLY B 262 -10.98 3.54 14.56
N VAL B 263 -10.82 4.69 13.93
CA VAL B 263 -11.71 5.82 14.11
C VAL B 263 -13.15 5.37 13.87
N GLY B 264 -14.01 5.57 14.86
CA GLY B 264 -15.41 5.20 14.74
C GLY B 264 -16.01 4.62 16.02
N ALA B 265 -17.33 4.74 16.14
CA ALA B 265 -18.06 4.21 17.28
C ALA B 265 -18.22 2.69 17.21
N LEU B 266 -18.38 2.16 16.00
CA LEU B 266 -18.61 0.73 15.83
C LEU B 266 -17.41 -0.09 16.31
N PRO B 267 -16.19 0.22 15.85
CA PRO B 267 -15.03 -0.50 16.38
C PRO B 267 -14.99 -0.43 17.90
N ASN B 268 -15.28 0.75 18.44
CA ASN B 268 -15.35 0.97 19.88
C ASN B 268 -16.34 0.05 20.60
N LEU B 269 -17.53 -0.12 20.04
CA LEU B 269 -18.56 -0.95 20.66
C LEU B 269 -18.18 -2.43 20.72
N VAL B 270 -17.38 -2.87 19.74
CA VAL B 270 -17.02 -4.27 19.62
C VAL B 270 -16.21 -4.75 20.83
N CYS B 271 -15.40 -3.87 21.40
CA CYS B 271 -14.52 -4.22 22.52
C CYS B 271 -15.23 -4.99 23.64
N GLY B 272 -16.49 -4.64 23.89
CA GLY B 272 -17.25 -5.23 24.97
C GLY B 272 -17.39 -6.74 24.96
N VAL B 273 -17.31 -7.35 23.78
CA VAL B 273 -17.46 -8.80 23.67
C VAL B 273 -16.18 -9.53 24.06
N LEU B 274 -15.08 -8.78 24.11
CA LEU B 274 -13.78 -9.34 24.47
C LEU B 274 -13.53 -9.29 25.97
N LYS B 275 -14.59 -9.17 26.76
CA LYS B 275 -14.46 -9.11 28.21
C LYS B 275 -14.11 -10.48 28.79
N ASP B 276 -14.20 -11.52 27.96
CA ASP B 276 -13.94 -12.88 28.41
C ASP B 276 -12.58 -13.40 27.97
N ARG B 277 -11.82 -12.56 27.28
CA ARG B 277 -10.49 -12.94 26.83
C ARG B 277 -9.43 -12.62 27.86
N ASN B 278 -8.20 -13.07 27.59
CA ASN B 278 -7.07 -12.84 28.47
C ASN B 278 -5.80 -12.60 27.69
N ASP B 279 -4.87 -11.85 28.30
CA ASP B 279 -3.56 -11.60 27.74
C ASP B 279 -3.63 -10.87 26.40
N LEU B 280 -4.66 -10.04 26.23
CA LEU B 280 -4.75 -9.23 25.03
C LEU B 280 -3.67 -8.17 25.07
N GLY B 281 -3.29 -7.68 23.89
CA GLY B 281 -2.35 -6.60 23.77
C GLY B 281 -2.96 -5.48 22.97
N ILE B 282 -2.42 -4.28 23.10
CA ILE B 282 -2.89 -3.14 22.33
C ILE B 282 -1.74 -2.49 21.58
N HIS B 283 -1.89 -2.44 20.25
CA HIS B 283 -1.08 -1.59 19.41
C HIS B 283 -2.00 -1.00 18.35
N THR B 284 -2.41 0.23 18.59
CA THR B 284 -3.51 0.85 17.86
C THR B 284 -3.11 2.24 17.43
N ASP B 285 -3.75 2.79 16.40
CA ASP B 285 -3.55 4.20 16.09
C ASP B 285 -4.42 5.03 17.04
N VAL B 286 -5.70 4.71 17.08
CA VAL B 286 -6.64 5.41 17.93
C VAL B 286 -6.84 4.65 19.23
N LEU B 287 -6.70 5.36 20.35
CA LEU B 287 -7.08 4.81 21.65
C LEU B 287 -8.45 5.38 21.98
N ASN B 288 -9.41 4.49 22.20
CA ASN B 288 -10.80 4.88 22.38
C ASN B 288 -11.35 4.27 23.66
N PRO B 289 -12.53 4.73 24.11
CA PRO B 289 -13.07 4.27 25.39
C PRO B 289 -13.17 2.76 25.52
N GLY B 290 -13.43 2.08 24.40
CA GLY B 290 -13.57 0.63 24.41
C GLY B 290 -12.31 -0.11 24.84
N LEU B 291 -11.18 0.25 24.25
CA LEU B 291 -9.91 -0.39 24.60
C LEU B 291 -9.51 -0.05 26.04
N VAL B 292 -9.65 1.22 26.41
CA VAL B 292 -9.29 1.65 27.76
C VAL B 292 -10.10 0.88 28.79
N ASP B 293 -11.33 0.51 28.45
CA ASP B 293 -12.13 -0.33 29.33
C ASP B 293 -11.46 -1.68 29.51
N LEU B 294 -10.93 -2.23 28.41
CA LEU B 294 -10.23 -3.52 28.47
C LEU B 294 -8.93 -3.40 29.27
N ILE B 295 -8.30 -2.23 29.21
CA ILE B 295 -7.12 -1.99 30.05
C ILE B 295 -7.53 -1.97 31.52
N ARG B 296 -8.55 -1.17 31.83
CA ARG B 296 -9.04 -1.04 33.20
C ARG B 296 -9.39 -2.38 33.82
N ARG B 297 -9.95 -3.28 33.01
CA ARG B 297 -10.40 -4.59 33.47
C ARG B 297 -9.29 -5.65 33.54
N GLY B 298 -8.07 -5.27 33.18
CA GLY B 298 -6.96 -6.19 33.18
C GLY B 298 -7.03 -7.27 32.11
N VAL B 299 -7.97 -7.11 31.17
CA VAL B 299 -8.05 -8.00 30.02
C VAL B 299 -6.79 -7.83 29.16
N VAL B 300 -6.29 -6.61 29.08
CA VAL B 300 -5.07 -6.33 28.33
C VAL B 300 -3.86 -6.32 29.27
N THR B 301 -2.89 -7.17 28.97
CA THR B 301 -1.65 -7.23 29.75
C THR B 301 -0.43 -6.92 28.88
N ASN B 302 -0.61 -6.96 27.57
CA ASN B 302 0.47 -6.69 26.62
C ASN B 302 1.69 -7.57 26.84
N GLN B 303 1.49 -8.69 27.53
CA GLN B 303 2.61 -9.53 27.92
C GLN B 303 2.99 -10.51 26.81
N ARG B 304 2.13 -10.63 25.80
CA ARG B 304 2.43 -11.49 24.66
C ARG B 304 2.85 -10.69 23.42
N LYS B 305 2.99 -9.38 23.57
CA LYS B 305 3.54 -8.56 22.51
C LYS B 305 5.04 -8.77 22.39
N THR B 306 5.57 -8.66 21.18
CA THR B 306 7.01 -8.70 20.97
C THR B 306 7.62 -7.33 21.23
N LEU B 307 6.99 -6.30 20.64
CA LEU B 307 7.40 -4.92 20.85
C LEU B 307 6.57 -4.28 21.95
N ASP B 308 7.14 -3.25 22.58
CA ASP B 308 6.45 -2.49 23.61
C ASP B 308 5.70 -3.37 24.61
N ARG B 309 6.36 -4.43 25.08
CA ARG B 309 5.73 -5.36 26.00
C ARG B 309 5.36 -4.70 27.32
N GLY B 310 4.16 -5.00 27.82
CA GLY B 310 3.70 -4.45 29.08
C GLY B 310 2.91 -3.16 28.94
N ARG B 311 3.09 -2.48 27.82
CA ARG B 311 2.48 -1.18 27.59
C ARG B 311 1.50 -1.19 26.43
N SER B 312 0.40 -0.46 26.59
CA SER B 312 -0.56 -0.28 25.51
C SER B 312 -0.10 0.89 24.66
N VAL B 313 0.02 0.67 23.36
CA VAL B 313 0.62 1.65 22.46
C VAL B 313 -0.43 2.27 21.54
N PHE B 314 -0.45 3.60 21.50
CA PHE B 314 -1.40 4.35 20.70
C PHE B 314 -0.73 5.61 20.18
N THR B 315 -1.26 6.22 19.12
CA THR B 315 -0.65 7.42 18.56
C THR B 315 -1.52 8.65 18.81
N PHE B 316 -2.81 8.46 19.03
CA PHE B 316 -3.64 9.50 19.64
C PHE B 316 -4.97 8.95 20.17
N ALA B 317 -5.63 9.74 21.01
CA ALA B 317 -6.80 9.27 21.75
C ALA B 317 -8.04 10.14 21.54
N MET B 318 -9.19 9.47 21.38
CA MET B 318 -10.50 10.12 21.31
C MET B 318 -11.41 9.41 22.30
N GLY B 319 -12.12 10.16 23.13
CA GLY B 319 -13.04 9.53 24.08
C GLY B 319 -13.91 10.50 24.85
N GLN B 320 -14.16 10.15 26.11
CA GLN B 320 -14.95 10.99 27.01
C GLN B 320 -14.14 11.25 28.28
N GLN B 321 -14.61 12.17 29.12
CA GLN B 321 -13.83 12.64 30.27
C GLN B 321 -13.36 11.48 31.13
N GLU B 322 -14.21 10.47 31.29
CA GLU B 322 -13.85 9.25 32.01
C GLU B 322 -12.54 8.68 31.49
N MET B 323 -12.48 8.48 30.17
CA MET B 323 -11.29 7.95 29.54
C MET B 323 -10.11 8.90 29.70
N TYR B 324 -10.35 10.17 29.36
CA TYR B 324 -9.29 11.19 29.38
C TYR B 324 -8.59 11.29 30.73
N GLU B 325 -9.37 11.32 31.81
CA GLU B 325 -8.80 11.39 33.15
C GLU B 325 -8.04 10.11 33.50
N TYR B 326 -8.50 8.97 32.99
CA TYR B 326 -7.90 7.69 33.31
C TYR B 326 -6.50 7.55 32.72
N LEU B 327 -6.24 8.23 31.62
CA LEU B 327 -4.91 8.16 30.98
C LEU B 327 -3.85 8.90 31.79
N ASN B 328 -4.26 9.74 32.73
CA ASN B 328 -3.32 10.61 33.43
C ASN B 328 -2.29 9.81 34.21
N ASP B 329 -1.02 9.95 33.82
CA ASP B 329 0.09 9.29 34.49
C ASP B 329 -0.10 7.77 34.60
N HIS B 330 -0.65 7.16 33.55
CA HIS B 330 -0.82 5.71 33.51
C HIS B 330 0.47 5.06 33.02
N PRO B 331 1.12 4.23 33.86
CA PRO B 331 2.43 3.70 33.46
C PRO B 331 2.38 2.50 32.52
N ALA B 332 1.19 1.99 32.23
CA ALA B 332 1.03 0.86 31.31
C ALA B 332 0.37 1.30 30.01
N ILE B 333 0.34 2.61 29.78
CA ILE B 333 -0.12 3.19 28.53
C ILE B 333 1.00 4.09 28.01
N PHE B 334 1.36 3.93 26.74
CA PHE B 334 2.56 4.58 26.21
C PHE B 334 2.31 5.10 24.79
N SER B 335 2.38 6.41 24.61
CA SER B 335 2.08 7.01 23.31
C SER B 335 3.34 7.05 22.45
N ARG B 336 3.17 6.87 21.15
CA ARG B 336 4.30 6.92 20.23
C ARG B 336 3.90 7.58 18.90
N PRO B 337 4.87 8.20 18.20
CA PRO B 337 4.56 8.94 16.97
C PRO B 337 4.02 8.03 15.86
N VAL B 338 3.24 8.62 14.97
CA VAL B 338 2.45 7.86 14.00
C VAL B 338 3.32 7.09 13.01
N ASP B 339 4.49 7.60 12.68
CA ASP B 339 5.37 6.93 11.72
C ASP B 339 6.01 5.67 12.31
N TYR B 340 5.92 5.52 13.63
CA TYR B 340 6.25 4.25 14.29
C TYR B 340 5.03 3.34 14.37
N VAL B 341 3.96 3.85 14.99
CA VAL B 341 2.79 3.06 15.30
C VAL B 341 2.12 2.49 14.05
N ASN B 342 1.99 3.32 13.02
CA ASN B 342 1.30 2.93 11.79
C ASN B 342 2.23 2.35 10.73
N ASP B 343 3.49 2.13 11.08
CA ASP B 343 4.43 1.54 10.14
C ASP B 343 4.06 0.06 10.02
N PRO B 344 3.63 -0.38 8.82
CA PRO B 344 3.18 -1.77 8.68
C PRO B 344 4.23 -2.80 9.10
N HIS B 345 5.50 -2.50 8.83
CA HIS B 345 6.58 -3.38 9.25
C HIS B 345 6.64 -3.49 10.77
N ILE B 346 6.36 -2.38 11.47
CA ILE B 346 6.32 -2.39 12.93
C ILE B 346 5.10 -3.15 13.45
N ILE B 347 3.95 -2.85 12.86
CA ILE B 347 2.70 -3.48 13.28
C ILE B 347 2.82 -5.00 13.27
N ALA B 348 3.42 -5.53 12.20
CA ALA B 348 3.50 -6.97 11.98
C ALA B 348 4.46 -7.71 12.93
N GLN B 349 5.29 -6.98 13.66
CA GLN B 349 6.26 -7.62 14.53
C GLN B 349 5.64 -8.15 15.82
N ASN B 350 4.37 -7.81 16.04
CA ASN B 350 3.58 -8.42 17.10
C ASN B 350 2.76 -9.58 16.54
N ASP B 351 2.77 -10.72 17.24
CA ASP B 351 1.98 -11.87 16.79
C ASP B 351 0.50 -11.65 17.05
N ASN B 352 -0.33 -12.26 16.21
CA ASN B 352 -1.78 -12.27 16.41
C ASN B 352 -2.36 -10.87 16.47
N VAL B 353 -1.92 -9.98 15.59
CA VAL B 353 -2.54 -8.68 15.47
C VAL B 353 -3.98 -8.86 15.00
N VAL B 354 -4.90 -8.15 15.64
CA VAL B 354 -6.26 -8.08 15.15
C VAL B 354 -6.61 -6.62 14.92
N SER B 355 -6.77 -6.27 13.66
CA SER B 355 -7.12 -4.91 13.28
C SER B 355 -8.60 -4.84 12.92
N ILE B 356 -9.31 -3.92 13.57
CA ILE B 356 -10.74 -3.76 13.34
C ILE B 356 -11.02 -2.33 12.90
N ASN B 357 -11.38 -2.17 11.64
CA ASN B 357 -11.72 -0.89 11.06
C ASN B 357 -13.12 -0.94 10.47
N ALA B 358 -13.82 0.18 10.52
CA ALA B 358 -15.11 0.30 9.86
C ALA B 358 -14.91 0.95 8.50
N THR B 359 -15.87 0.73 7.61
CA THR B 359 -15.86 1.34 6.30
C THR B 359 -17.29 1.73 5.95
N LEU B 360 -17.45 2.67 5.02
CA LEU B 360 -18.77 3.12 4.62
C LEU B 360 -19.39 2.20 3.58
N GLN B 361 -18.57 1.64 2.70
CA GLN B 361 -19.09 0.72 1.69
C GLN B 361 -18.03 -0.21 1.08
N ILE B 362 -18.48 -1.41 0.73
CA ILE B 362 -17.64 -2.43 0.12
C ILE B 362 -18.22 -2.75 -1.26
N ASP B 363 -17.38 -2.85 -2.28
CA ASP B 363 -17.87 -3.27 -3.61
C ASP B 363 -17.54 -4.73 -3.85
N LEU B 364 -17.86 -5.21 -5.05
CA LEU B 364 -17.81 -6.65 -5.32
C LEU B 364 -16.41 -7.17 -5.63
N THR B 365 -15.44 -6.27 -5.80
CA THR B 365 -14.05 -6.68 -5.92
C THR B 365 -13.40 -6.80 -4.54
N GLY B 366 -14.09 -6.34 -3.51
CA GLY B 366 -13.59 -6.40 -2.15
C GLY B 366 -12.89 -5.14 -1.68
N ALA B 367 -12.84 -4.11 -2.53
CA ALA B 367 -12.28 -2.82 -2.15
C ALA B 367 -13.25 -2.08 -1.21
N CYS B 368 -12.74 -1.08 -0.49
CA CYS B 368 -13.51 -0.40 0.54
C CYS B 368 -13.33 1.13 0.52
N ASN B 369 -14.40 1.85 0.81
CA ASN B 369 -14.41 3.32 0.78
C ASN B 369 -14.90 3.97 2.08
N SER B 370 -14.40 5.16 2.36
CA SER B 370 -14.78 5.92 3.56
C SER B 370 -14.75 7.44 3.35
N GLU B 371 -15.38 7.98 2.30
CA GLU B 371 -15.28 9.42 2.08
C GLU B 371 -16.63 10.15 1.88
N HIS B 372 -17.71 9.58 2.43
CA HIS B 372 -19.00 10.28 2.47
C HIS B 372 -19.93 9.62 3.50
N GLY B 382 -9.21 6.29 8.72
CA GLY B 382 -8.19 7.31 8.54
C GLY B 382 -6.85 6.72 8.12
N GLY B 383 -6.16 6.12 9.09
CA GLY B 383 -4.96 5.35 8.83
C GLY B 383 -5.30 3.88 8.58
N GLN B 384 -6.53 3.64 8.13
CA GLN B 384 -7.07 2.29 7.99
C GLN B 384 -6.15 1.32 7.24
N LEU B 385 -5.62 1.75 6.11
CA LEU B 385 -4.89 0.84 5.22
C LEU B 385 -3.57 0.36 5.82
N ASP B 386 -2.94 1.20 6.63
CA ASP B 386 -1.69 0.84 7.28
C ASP B 386 -1.82 -0.42 8.12
N PHE B 387 -2.93 -0.53 8.86
CA PHE B 387 -3.15 -1.69 9.73
C PHE B 387 -3.75 -2.87 8.98
N VAL B 388 -4.40 -2.61 7.85
CA VAL B 388 -4.81 -3.69 6.96
C VAL B 388 -3.57 -4.41 6.47
N ARG B 389 -2.58 -3.64 6.05
CA ARG B 389 -1.31 -4.19 5.60
C ARG B 389 -0.56 -4.83 6.77
N GLY B 390 -0.46 -4.09 7.87
CA GLY B 390 0.25 -4.56 9.04
C GLY B 390 -0.30 -5.85 9.60
N ALA B 391 -1.61 -5.88 9.86
CA ALA B 391 -2.28 -7.03 10.43
C ALA B 391 -2.04 -8.32 9.61
N TYR B 392 -2.18 -8.23 8.30
CA TYR B 392 -1.98 -9.40 7.45
C TYR B 392 -0.56 -9.94 7.56
N ALA B 393 0.41 -9.04 7.67
CA ALA B 393 1.82 -9.42 7.72
C ALA B 393 2.21 -10.02 9.08
N SER B 394 1.42 -9.72 10.10
CA SER B 394 1.63 -10.31 11.43
C SER B 394 1.44 -11.82 11.32
N LYS B 395 2.12 -12.62 12.14
CA LYS B 395 1.98 -14.07 12.02
C LYS B 395 0.53 -14.54 12.10
N GLY B 396 -0.04 -14.49 13.29
CA GLY B 396 -1.40 -14.94 13.49
C GLY B 396 -2.43 -13.87 13.20
N GLY B 397 -2.03 -12.86 12.44
CA GLY B 397 -2.85 -11.67 12.29
C GLY B 397 -4.02 -11.75 11.33
N ARG B 398 -5.01 -10.90 11.58
CA ARG B 398 -6.17 -10.75 10.71
C ARG B 398 -6.62 -9.30 10.68
N SER B 399 -6.77 -8.75 9.48
CA SER B 399 -7.41 -7.45 9.31
C SER B 399 -8.89 -7.62 9.01
N ILE B 400 -9.72 -7.11 9.91
CA ILE B 400 -11.16 -7.16 9.72
C ILE B 400 -11.71 -5.77 9.40
N ILE B 401 -12.46 -5.71 8.30
CA ILE B 401 -13.23 -4.51 7.95
C ILE B 401 -14.70 -4.86 7.96
N ALA B 402 -15.47 -4.16 8.78
CA ALA B 402 -16.88 -4.49 8.98
C ALA B 402 -17.79 -3.31 8.74
N THR B 403 -19.01 -3.61 8.31
CA THR B 403 -20.05 -2.61 8.18
C THR B 403 -21.41 -3.30 8.23
N PRO B 404 -22.44 -2.59 8.73
CA PRO B 404 -23.79 -3.13 8.52
C PRO B 404 -24.09 -3.21 7.03
N SER B 405 -24.81 -4.25 6.62
CA SER B 405 -25.04 -4.49 5.20
C SER B 405 -25.94 -3.44 4.55
N THR B 406 -26.65 -2.68 5.39
CA THR B 406 -27.61 -1.70 4.91
C THR B 406 -27.50 -0.35 5.60
N ALA B 407 -28.07 0.66 4.97
CA ALA B 407 -28.17 2.00 5.53
C ALA B 407 -29.59 2.52 5.32
N ALA B 408 -29.95 3.56 6.06
CA ALA B 408 -31.27 4.17 5.96
C ALA B 408 -32.37 3.12 6.13
N LYS B 409 -32.40 2.49 7.30
CA LYS B 409 -33.42 1.52 7.70
C LYS B 409 -33.67 0.44 6.63
N GLY B 410 -32.59 0.02 5.96
CA GLY B 410 -32.67 -1.09 5.03
C GLY B 410 -32.96 -0.72 3.59
N THR B 411 -32.85 0.57 3.27
CA THR B 411 -33.29 1.06 1.96
C THR B 411 -32.14 1.29 0.98
N VAL B 412 -30.94 1.56 1.49
CA VAL B 412 -29.74 1.65 0.65
C VAL B 412 -28.73 0.59 1.09
N SER B 413 -28.06 -0.01 0.12
CA SER B 413 -27.07 -1.07 0.39
C SER B 413 -25.66 -0.51 0.54
N ARG B 414 -24.95 -1.01 1.55
CA ARG B 414 -23.56 -0.64 1.76
C ARG B 414 -22.64 -1.56 0.95
N ILE B 415 -23.16 -2.73 0.55
CA ILE B 415 -22.50 -3.54 -0.48
C ILE B 415 -22.96 -3.02 -1.84
N ILE B 416 -22.02 -2.76 -2.73
CA ILE B 416 -22.32 -2.07 -3.98
C ILE B 416 -21.62 -2.75 -5.15
N PRO B 417 -21.96 -2.39 -6.40
CA PRO B 417 -21.30 -3.07 -7.51
C PRO B 417 -19.84 -2.68 -7.66
N ARG B 418 -19.60 -1.37 -7.56
CA ARG B 418 -18.31 -0.78 -7.85
C ARG B 418 -18.17 0.60 -7.23
N ILE B 419 -16.95 1.00 -6.89
CA ILE B 419 -16.71 2.31 -6.30
C ILE B 419 -16.15 3.28 -7.34
N ASP B 420 -16.51 4.56 -7.19
CA ASP B 420 -16.07 5.61 -8.10
C ASP B 420 -14.72 6.22 -7.71
N GLY B 421 -13.71 5.99 -8.53
CA GLY B 421 -12.42 6.65 -8.35
C GLY B 421 -11.59 6.10 -7.20
N PRO B 422 -10.98 6.99 -6.39
CA PRO B 422 -10.05 6.52 -5.36
C PRO B 422 -10.73 5.88 -4.17
N VAL B 423 -10.20 4.74 -3.74
CA VAL B 423 -10.75 3.96 -2.64
C VAL B 423 -9.82 4.07 -1.43
N THR B 424 -10.28 3.67 -0.25
CA THR B 424 -9.45 3.76 0.95
C THR B 424 -8.58 2.51 1.11
N THR B 425 -9.20 1.33 1.06
CA THR B 425 -8.47 0.07 1.08
C THR B 425 -8.65 -0.64 -0.26
N PRO B 426 -7.58 -0.74 -1.06
CA PRO B 426 -7.71 -1.41 -2.37
C PRO B 426 -7.92 -2.92 -2.24
N ARG B 427 -8.48 -3.54 -3.29
CA ARG B 427 -8.92 -4.92 -3.24
C ARG B 427 -7.78 -5.92 -2.99
N ILE B 428 -6.59 -5.63 -3.49
CA ILE B 428 -5.45 -6.53 -3.30
C ILE B 428 -5.06 -6.61 -1.82
N ASP B 429 -5.34 -5.55 -1.07
CA ASP B 429 -4.91 -5.47 0.33
C ASP B 429 -5.93 -6.02 1.34
N THR B 430 -7.19 -6.15 0.93
CA THR B 430 -8.23 -6.57 1.87
C THR B 430 -8.06 -8.00 2.34
N HIS B 431 -8.34 -8.24 3.62
CA HIS B 431 -8.18 -9.54 4.24
C HIS B 431 -9.54 -10.14 4.61
N TYR B 432 -10.14 -9.60 5.67
CA TYR B 432 -11.43 -10.10 6.17
C TYR B 432 -12.49 -9.02 6.06
N ILE B 433 -13.69 -9.40 5.62
CA ILE B 433 -14.84 -8.50 5.69
C ILE B 433 -15.96 -9.17 6.47
N VAL B 434 -16.68 -8.36 7.24
CA VAL B 434 -17.73 -8.85 8.10
C VAL B 434 -18.96 -7.97 7.96
N THR B 435 -20.10 -8.59 7.76
CA THR B 435 -21.38 -7.91 7.96
C THR B 435 -22.16 -8.76 8.93
N GLU B 436 -23.38 -8.35 9.25
CA GLU B 436 -24.20 -9.08 10.21
C GLU B 436 -24.54 -10.50 9.77
N PHE B 437 -24.24 -10.85 8.51
CA PHE B 437 -24.58 -12.16 7.97
C PHE B 437 -23.42 -13.14 7.92
N GLY B 438 -22.25 -12.73 8.41
CA GLY B 438 -21.10 -13.61 8.51
C GLY B 438 -19.79 -12.95 8.10
N ALA B 439 -18.74 -13.77 8.01
CA ALA B 439 -17.40 -13.28 7.67
C ALA B 439 -16.79 -14.08 6.54
N VAL B 440 -16.10 -13.38 5.64
CA VAL B 440 -15.40 -14.02 4.54
C VAL B 440 -13.96 -13.53 4.48
N ASN B 441 -13.04 -14.49 4.41
CA ASN B 441 -11.64 -14.17 4.22
C ASN B 441 -11.38 -14.02 2.76
N LEU B 442 -10.91 -12.84 2.42
CA LEU B 442 -10.83 -12.51 1.03
C LEU B 442 -9.48 -12.88 0.36
N LYS B 443 -8.41 -13.08 1.14
CA LYS B 443 -7.08 -13.37 0.55
C LYS B 443 -7.02 -14.69 -0.25
N GLY B 444 -6.55 -14.60 -1.51
CA GLY B 444 -6.37 -15.75 -2.37
C GLY B 444 -7.55 -16.07 -3.29
N LEU B 445 -8.66 -15.38 -3.10
CA LEU B 445 -9.86 -15.60 -3.91
C LEU B 445 -9.78 -14.89 -5.25
N SER B 446 -10.41 -15.47 -6.27
CA SER B 446 -10.49 -14.84 -7.58
C SER B 446 -11.57 -13.76 -7.57
N SER B 447 -11.57 -12.91 -8.59
CA SER B 447 -12.62 -11.92 -8.77
C SER B 447 -14.01 -12.54 -8.66
N THR B 448 -14.17 -13.70 -9.27
CA THR B 448 -15.45 -14.41 -9.27
C THR B 448 -15.80 -14.96 -7.89
N GLU B 449 -14.87 -15.67 -7.26
CA GLU B 449 -15.12 -16.24 -5.94
C GLU B 449 -15.51 -15.19 -4.91
N ARG B 450 -14.90 -14.03 -5.04
CA ARG B 450 -15.19 -12.94 -4.13
C ARG B 450 -16.58 -12.38 -4.30
N ALA B 451 -16.93 -12.11 -5.54
CA ALA B 451 -18.26 -11.61 -5.89
C ALA B 451 -19.36 -12.50 -5.35
N LEU B 452 -19.26 -13.81 -5.56
CA LEU B 452 -20.25 -14.74 -5.01
C LEU B 452 -20.26 -14.71 -3.50
N ARG B 453 -19.09 -14.68 -2.87
CA ARG B 453 -19.02 -14.68 -1.42
C ARG B 453 -19.41 -13.31 -0.82
N ILE B 454 -19.17 -12.24 -1.56
CA ILE B 454 -19.47 -10.90 -1.06
C ILE B 454 -20.97 -10.62 -1.11
N ILE B 455 -21.65 -11.02 -2.19
CA ILE B 455 -23.09 -10.85 -2.29
C ILE B 455 -23.82 -11.55 -1.14
N GLU B 456 -23.29 -12.69 -0.70
CA GLU B 456 -23.94 -13.47 0.34
C GLU B 456 -23.87 -12.79 1.71
N LEU B 457 -23.08 -11.72 1.81
CA LEU B 457 -23.04 -10.94 3.04
C LEU B 457 -24.04 -9.78 2.99
N ALA B 458 -24.70 -9.61 1.84
CA ALA B 458 -25.72 -8.57 1.71
C ALA B 458 -27.03 -9.02 2.33
N HIS B 459 -27.89 -8.06 2.64
CA HIS B 459 -29.25 -8.37 3.04
C HIS B 459 -29.89 -9.06 1.83
N PRO B 460 -30.54 -10.23 2.03
CA PRO B 460 -31.13 -10.96 0.91
C PRO B 460 -31.94 -10.13 -0.08
N ASP B 461 -32.37 -8.94 0.34
CA ASP B 461 -33.12 -8.05 -0.54
C ASP B 461 -32.29 -7.59 -1.74
N PHE B 462 -31.06 -7.13 -1.51
CA PHE B 462 -30.24 -6.56 -2.58
C PHE B 462 -29.46 -7.61 -3.38
N ARG B 463 -29.42 -8.84 -2.89
CA ARG B 463 -28.61 -9.89 -3.51
C ARG B 463 -28.95 -10.09 -4.99
N ASP B 464 -30.23 -10.20 -5.30
CA ASP B 464 -30.65 -10.45 -6.69
C ASP B 464 -30.14 -9.37 -7.63
N GLU B 465 -30.22 -8.11 -7.20
CA GLU B 465 -29.79 -6.99 -8.04
C GLU B 465 -28.26 -6.93 -8.16
N LEU B 466 -27.55 -7.30 -7.10
CA LEU B 466 -26.09 -7.28 -7.12
C LEU B 466 -25.53 -8.41 -7.99
N THR B 467 -26.14 -9.59 -7.89
CA THR B 467 -25.77 -10.71 -8.75
C THR B 467 -25.87 -10.28 -10.21
N GLN B 468 -26.82 -9.42 -10.51
CA GLN B 468 -27.00 -8.89 -11.85
C GLN B 468 -25.86 -7.97 -12.27
N ALA B 469 -25.42 -7.11 -11.34
CA ALA B 469 -24.33 -6.18 -11.60
C ALA B 469 -23.01 -6.87 -11.93
N ALA B 470 -22.73 -7.95 -11.21
CA ALA B 470 -21.47 -8.68 -11.39
C ALA B 470 -21.37 -9.32 -12.77
N LYS B 471 -22.48 -9.84 -13.26
CA LYS B 471 -22.52 -10.44 -14.58
C LYS B 471 -22.28 -9.36 -15.65
N LYS B 472 -23.02 -8.26 -15.55
CA LYS B 472 -22.90 -7.17 -16.50
C LYS B 472 -21.52 -6.51 -16.47
N MET B 473 -20.84 -6.62 -15.32
CA MET B 473 -19.53 -6.00 -15.14
C MET B 473 -18.41 -6.99 -15.47
N HIS B 474 -18.81 -8.22 -15.78
CA HIS B 474 -17.91 -9.28 -16.21
C HIS B 474 -16.96 -9.73 -15.09
N LEU B 475 -17.47 -9.69 -13.86
CA LEU B 475 -16.82 -10.40 -12.76
C LEU B 475 -17.31 -11.85 -12.83
N ILE B 476 -18.40 -12.04 -13.55
CA ILE B 476 -18.95 -13.37 -13.84
C ILE B 476 -19.88 -13.31 -15.05
#